data_3BBB
#
_entry.id   3BBB
#
_cell.length_a   52.466
_cell.length_b   118.219
_cell.length_c   128.910
_cell.angle_alpha   90.00
_cell.angle_beta   90.00
_cell.angle_gamma   90.00
#
_symmetry.space_group_name_H-M   'P 21 21 21'
#
loop_
_entity.id
_entity.type
_entity.pdbx_description
1 polymer 'Nucleoside diphosphate kinase B'
2 polymer "DNA (5'-D(*AP*G)-3')"
3 water water
#
loop_
_entity_poly.entity_id
_entity_poly.type
_entity_poly.pdbx_seq_one_letter_code
_entity_poly.pdbx_strand_id
1 'polypeptide(L)'
;ANLERTFIAIKPDGVQRGLVGEIIKRFEQKGFRLVAMKFLRASEEHLKQHYIDLKDRPFFPGLVKYMNSGPVVAMVWEGL
NVVKTGRVMLGETNPADSKPGTIRGDFCIQVGRNIIHGSDSVKSAEKEISLWFKPEELVDYKSCAHDWVYE
;
A,B,C,D,E,F
2 'polydeoxyribonucleotide' (DA)(DG) G,H,I,J
#
loop_
_chem_comp.id
_chem_comp.type
_chem_comp.name
_chem_comp.formula
DA DNA linking 2'-DEOXYADENOSINE-5'-MONOPHOSPHATE 'C10 H14 N5 O6 P'
DG DNA linking 2'-DEOXYGUANOSINE-5'-MONOPHOSPHATE 'C10 H14 N5 O7 P'
#
# COMPACT_ATOMS: atom_id res chain seq x y z
N ALA A 1 -28.03 -10.75 -11.78
CA ALA A 1 -28.13 -9.28 -12.01
C ALA A 1 -26.76 -8.61 -12.03
N ASN A 2 -25.84 -9.21 -12.80
CA ASN A 2 -24.48 -8.69 -12.99
C ASN A 2 -24.47 -7.38 -13.77
N LEU A 3 -25.63 -6.87 -14.18
CA LEU A 3 -25.67 -5.66 -14.95
C LEU A 3 -26.09 -4.45 -14.10
N GLU A 4 -26.36 -4.64 -12.81
CA GLU A 4 -26.70 -3.52 -11.96
C GLU A 4 -25.64 -2.43 -11.99
N ARG A 5 -26.07 -1.18 -11.85
CA ARG A 5 -25.17 -0.03 -11.74
C ARG A 5 -25.50 0.81 -10.52
N THR A 6 -24.48 1.46 -10.00
CA THR A 6 -24.62 2.49 -8.97
C THR A 6 -23.86 3.76 -9.32
N PHE A 7 -24.32 4.87 -8.72
CA PHE A 7 -23.67 6.15 -8.82
C PHE A 7 -22.85 6.40 -7.54
N ILE A 8 -21.55 6.69 -7.75
CA ILE A 8 -20.62 6.99 -6.65
C ILE A 8 -20.06 8.38 -6.95
N ALA A 9 -20.07 9.30 -5.98
CA ALA A 9 -19.44 10.62 -6.13
C ALA A 9 -18.46 10.83 -4.98
N ILE A 10 -17.25 11.15 -5.34
CA ILE A 10 -16.25 11.64 -4.38
C ILE A 10 -16.51 13.11 -4.15
N LYS A 11 -16.86 13.41 -2.89
CA LYS A 11 -17.22 14.76 -2.48
C LYS A 11 -16.02 15.72 -2.44
N PRO A 12 -16.22 17.06 -2.33
CA PRO A 12 -15.11 17.97 -2.41
C PRO A 12 -14.00 17.72 -1.40
N ASP A 13 -14.35 17.23 -0.22
CA ASP A 13 -13.39 16.88 0.77
C ASP A 13 -12.52 15.74 0.38
N GLY A 14 -13.12 14.75 -0.27
CA GLY A 14 -12.32 13.62 -0.76
C GLY A 14 -11.30 14.02 -1.80
N VAL A 15 -11.68 14.92 -2.70
CA VAL A 15 -10.77 15.49 -3.66
C VAL A 15 -9.66 16.27 -2.99
N GLN A 16 -10.09 17.14 -2.08
CA GLN A 16 -9.15 18.02 -1.45
C GLN A 16 -8.12 17.28 -0.58
N ARG A 17 -8.52 16.15 -0.01
CA ARG A 17 -7.64 15.36 0.88
C ARG A 17 -6.92 14.29 0.09
N GLY A 18 -7.01 14.26 -1.22
CA GLY A 18 -6.14 13.41 -1.99
C GLY A 18 -6.49 11.95 -2.01
N LEU A 19 -7.75 11.63 -1.99
CA LEU A 19 -8.27 10.28 -1.83
C LEU A 19 -8.88 9.70 -3.10
N VAL A 20 -8.80 10.41 -4.19
CA VAL A 20 -9.46 9.94 -5.42
C VAL A 20 -8.92 8.58 -5.84
N GLY A 21 -7.62 8.48 -5.94
CA GLY A 21 -7.00 7.23 -6.39
C GLY A 21 -7.29 6.08 -5.45
N GLU A 22 -7.15 6.30 -4.14
CA GLU A 22 -7.47 5.28 -3.16
C GLU A 22 -8.87 4.75 -3.29
N ILE A 23 -9.83 5.61 -3.50
CA ILE A 23 -11.22 5.23 -3.59
C ILE A 23 -11.45 4.43 -4.86
N ILE A 24 -10.92 4.86 -5.99
CA ILE A 24 -11.13 4.13 -7.23
C ILE A 24 -10.48 2.79 -7.13
N LYS A 25 -9.30 2.68 -6.56
CA LYS A 25 -8.64 1.37 -6.38
C LYS A 25 -9.50 0.38 -5.64
N ARG A 26 -10.22 0.84 -4.63
CA ARG A 26 -11.08 -0.07 -3.88
C ARG A 26 -12.17 -0.68 -4.73
N PHE A 27 -12.77 0.11 -5.62
CA PHE A 27 -13.81 -0.42 -6.52
C PHE A 27 -13.19 -1.31 -7.62
N GLU A 28 -12.03 -0.95 -8.17
CA GLU A 28 -11.36 -1.77 -9.20
C GLU A 28 -10.96 -3.14 -8.60
N GLN A 29 -10.36 -3.15 -7.43
CA GLN A 29 -9.78 -4.37 -6.88
C GLN A 29 -10.90 -5.31 -6.45
N LYS A 30 -12.08 -4.79 -6.14
CA LYS A 30 -13.23 -5.60 -5.75
C LYS A 30 -13.76 -6.42 -6.96
N GLY A 31 -13.55 -5.91 -8.17
CA GLY A 31 -14.08 -6.57 -9.37
C GLY A 31 -15.20 -5.82 -10.08
N PHE A 32 -15.54 -4.62 -9.63
CA PHE A 32 -16.58 -3.82 -10.26
C PHE A 32 -16.01 -3.14 -11.53
N ARG A 33 -16.87 -2.88 -12.52
CA ARG A 33 -16.44 -2.24 -13.77
C ARG A 33 -16.78 -0.76 -13.77
N LEU A 34 -15.81 0.07 -14.09
CA LEU A 34 -16.06 1.51 -14.20
C LEU A 34 -16.81 1.72 -15.54
N VAL A 35 -17.98 2.36 -15.45
CA VAL A 35 -18.82 2.61 -16.63
C VAL A 35 -18.69 4.04 -17.09
N ALA A 36 -18.57 4.98 -16.14
CA ALA A 36 -18.53 6.43 -16.46
C ALA A 36 -17.76 7.17 -15.41
N MET A 37 -17.14 8.26 -15.82
CA MET A 37 -16.45 9.10 -14.82
C MET A 37 -16.23 10.49 -15.41
N LYS A 38 -16.45 11.50 -14.56
CA LYS A 38 -16.12 12.88 -14.88
C LYS A 38 -15.83 13.67 -13.63
N PHE A 39 -15.28 14.85 -13.83
CA PHE A 39 -14.75 15.70 -12.75
C PHE A 39 -15.32 17.08 -12.99
N LEU A 40 -16.06 17.60 -12.01
CA LEU A 40 -16.79 18.88 -12.23
C LEU A 40 -17.13 19.54 -10.90
N ARG A 41 -17.36 20.85 -10.97
CA ARG A 41 -18.01 21.57 -9.89
C ARG A 41 -19.49 21.60 -10.20
N ALA A 42 -20.26 20.89 -9.40
CA ALA A 42 -21.72 20.82 -9.57
C ALA A 42 -22.33 22.15 -9.14
N SER A 43 -23.17 22.74 -10.01
CA SER A 43 -23.87 24.00 -9.65
C SER A 43 -24.82 23.82 -8.47
N GLU A 44 -25.15 24.94 -7.84
CA GLU A 44 -26.14 24.97 -6.77
C GLU A 44 -27.45 24.31 -7.22
N GLU A 45 -27.90 24.65 -8.42
CA GLU A 45 -29.23 24.21 -8.86
C GLU A 45 -29.22 22.71 -9.11
N HIS A 46 -28.16 22.24 -9.78
CA HIS A 46 -27.91 20.81 -10.01
C HIS A 46 -27.96 20.02 -8.70
N LEU A 47 -27.26 20.51 -7.69
CA LEU A 47 -27.26 19.88 -6.36
C LEU A 47 -28.63 19.91 -5.63
N LYS A 48 -29.36 21.03 -5.78
CA LYS A 48 -30.74 21.14 -5.28
C LYS A 48 -31.63 20.01 -5.85
N GLN A 49 -31.53 19.78 -7.15
CA GLN A 49 -32.16 18.65 -7.81
C GLN A 49 -31.73 17.34 -7.20
N HIS A 50 -30.43 17.12 -7.18
CA HIS A 50 -29.88 15.88 -6.68
C HIS A 50 -30.41 15.60 -5.27
N TYR A 51 -30.41 16.62 -4.40
CA TYR A 51 -30.88 16.48 -3.00
C TYR A 51 -32.32 16.95 -2.72
N ILE A 52 -33.17 17.05 -3.74
CA ILE A 52 -34.58 17.43 -3.51
C ILE A 52 -35.28 16.60 -2.41
N ASP A 53 -34.96 15.31 -2.27
CA ASP A 53 -35.59 14.49 -1.24
C ASP A 53 -35.25 14.92 0.19
N LEU A 54 -34.16 15.66 0.37
CA LEU A 54 -33.72 16.11 1.71
C LEU A 54 -34.01 17.60 1.95
N LYS A 55 -34.80 18.21 1.08
CA LYS A 55 -34.89 19.68 1.03
C LYS A 55 -35.59 20.36 2.22
N ASP A 56 -36.32 19.56 3.01
CA ASP A 56 -37.02 20.04 4.22
C ASP A 56 -36.31 19.52 5.48
N ARG A 57 -35.04 19.14 5.33
CA ARG A 57 -34.22 18.68 6.46
C ARG A 57 -33.30 19.82 6.93
N PRO A 58 -32.92 19.82 8.23
CA PRO A 58 -32.17 20.95 8.79
C PRO A 58 -30.76 21.12 8.20
N PHE A 59 -30.10 20.00 7.93
CA PHE A 59 -28.76 20.02 7.33
C PHE A 59 -28.74 20.28 5.82
N PHE A 60 -29.91 20.44 5.18
CA PHE A 60 -29.98 20.59 3.71
C PHE A 60 -29.26 21.83 3.14
N PRO A 61 -29.54 23.03 3.68
CA PRO A 61 -28.83 24.20 3.17
C PRO A 61 -27.30 24.02 3.20
N GLY A 62 -26.77 23.64 4.35
CA GLY A 62 -25.32 23.49 4.53
C GLY A 62 -24.70 22.46 3.57
N LEU A 63 -25.44 21.37 3.39
CA LEU A 63 -25.08 20.27 2.48
C LEU A 63 -24.90 20.75 1.05
N VAL A 64 -25.89 21.46 0.53
CA VAL A 64 -25.78 22.02 -0.83
C VAL A 64 -24.53 22.94 -0.98
N LYS A 65 -24.30 23.82 -0.01
CA LYS A 65 -23.13 24.70 0.00
C LYS A 65 -21.77 23.98 0.00
N TYR A 66 -21.65 22.98 0.88
CA TYR A 66 -20.44 22.15 0.94
C TYR A 66 -20.23 21.46 -0.39
N MET A 67 -21.32 20.94 -0.95
CA MET A 67 -21.20 20.17 -2.21
C MET A 67 -20.83 21.02 -3.42
N ASN A 68 -21.05 22.33 -3.35
CA ASN A 68 -20.65 23.26 -4.36
C ASN A 68 -19.27 23.89 -4.10
N SER A 69 -18.65 23.54 -2.98
CA SER A 69 -17.44 24.27 -2.52
C SER A 69 -16.10 23.80 -3.14
N GLY A 70 -16.18 22.77 -3.99
CA GLY A 70 -15.08 22.32 -4.80
C GLY A 70 -15.62 21.28 -5.78
N PRO A 71 -14.72 20.75 -6.63
CA PRO A 71 -15.13 19.72 -7.55
C PRO A 71 -15.37 18.36 -6.87
N VAL A 72 -16.17 17.59 -7.55
CA VAL A 72 -16.48 16.17 -7.29
C VAL A 72 -16.05 15.30 -8.44
N VAL A 73 -15.75 14.07 -8.08
CA VAL A 73 -15.54 13.02 -9.10
C VAL A 73 -16.81 12.18 -9.13
N ALA A 74 -17.56 12.28 -10.25
CA ALA A 74 -18.80 11.52 -10.43
C ALA A 74 -18.44 10.23 -11.19
N MET A 75 -19.00 9.12 -10.77
CA MET A 75 -18.72 7.80 -11.37
C MET A 75 -19.97 6.93 -11.45
N VAL A 76 -19.99 6.01 -12.43
CA VAL A 76 -20.92 4.91 -12.46
C VAL A 76 -20.07 3.62 -12.43
N TRP A 77 -20.47 2.70 -11.57
CA TRP A 77 -19.84 1.37 -11.43
C TRP A 77 -20.91 0.31 -11.67
N GLU A 78 -20.49 -0.77 -12.31
CA GLU A 78 -21.34 -1.93 -12.63
C GLU A 78 -20.88 -3.19 -11.93
N GLY A 79 -21.83 -3.97 -11.47
CA GLY A 79 -21.64 -5.34 -11.07
C GLY A 79 -22.78 -5.89 -10.26
N LEU A 80 -22.70 -7.17 -9.94
CA LEU A 80 -23.70 -7.84 -9.12
C LEU A 80 -23.84 -7.16 -7.76
N ASN A 81 -25.06 -6.72 -7.44
CA ASN A 81 -25.40 -6.05 -6.20
CA ASN A 81 -25.36 -6.06 -6.19
C ASN A 81 -24.49 -4.86 -5.89
N VAL A 82 -24.07 -4.15 -6.91
CA VAL A 82 -23.13 -3.02 -6.72
C VAL A 82 -23.72 -1.90 -5.87
N VAL A 83 -25.03 -1.66 -5.93
CA VAL A 83 -25.61 -0.62 -5.09
C VAL A 83 -25.39 -0.94 -3.61
N LYS A 84 -25.89 -2.08 -3.16
CA LYS A 84 -25.79 -2.45 -1.75
C LYS A 84 -24.36 -2.70 -1.31
N THR A 85 -23.61 -3.36 -2.18
CA THR A 85 -22.20 -3.66 -1.85
C THR A 85 -21.36 -2.41 -1.86
N GLY A 86 -21.65 -1.52 -2.79
CA GLY A 86 -21.01 -0.20 -2.79
C GLY A 86 -21.17 0.50 -1.48
N ARG A 87 -22.39 0.47 -0.93
CA ARG A 87 -22.67 1.11 0.34
C ARG A 87 -21.96 0.44 1.50
N VAL A 88 -21.84 -0.87 1.50
CA VAL A 88 -21.06 -1.55 2.54
C VAL A 88 -19.55 -1.09 2.45
N MET A 89 -19.05 -0.99 1.25
CA MET A 89 -17.67 -0.54 1.03
C MET A 89 -17.43 0.89 1.49
N LEU A 90 -18.43 1.74 1.35
CA LEU A 90 -18.28 3.14 1.75
C LEU A 90 -18.32 3.24 3.29
N GLY A 91 -19.13 2.37 3.90
CA GLY A 91 -19.37 2.44 5.31
C GLY A 91 -20.65 3.21 5.58
N GLU A 92 -21.02 3.28 6.84
CA GLU A 92 -22.25 3.98 7.19
C GLU A 92 -22.15 5.43 6.78
N THR A 93 -23.26 6.02 6.34
CA THR A 93 -23.27 7.43 5.99
C THR A 93 -22.57 8.31 7.03
N ASN A 94 -22.84 8.03 8.30
CA ASN A 94 -22.20 8.70 9.42
C ASN A 94 -20.79 8.07 9.77
N PRO A 95 -19.69 8.80 9.53
CA PRO A 95 -18.38 8.18 9.74
C PRO A 95 -18.20 7.65 11.14
N ALA A 96 -18.84 8.28 12.13
CA ALA A 96 -18.75 7.80 13.51
C ALA A 96 -19.12 6.31 13.62
N ASP A 97 -20.01 5.86 12.76
CA ASP A 97 -20.52 4.51 12.76
C ASP A 97 -19.87 3.57 11.76
N SER A 98 -19.00 4.10 10.91
CA SER A 98 -18.36 3.35 9.88
C SER A 98 -17.22 2.52 10.39
N LYS A 99 -17.13 1.28 9.97
CA LYS A 99 -16.13 0.39 10.51
C LYS A 99 -14.73 0.56 9.83
N PRO A 100 -13.64 0.32 10.55
CA PRO A 100 -12.34 0.24 9.93
C PRO A 100 -12.37 -0.77 8.76
N GLY A 101 -11.74 -0.44 7.65
CA GLY A 101 -11.80 -1.22 6.42
C GLY A 101 -12.68 -0.60 5.37
N THR A 102 -13.66 0.16 5.79
CA THR A 102 -14.49 0.94 4.88
C THR A 102 -13.85 2.23 4.48
N ILE A 103 -14.32 2.84 3.39
CA ILE A 103 -13.79 4.11 2.98
C ILE A 103 -13.98 5.21 4.05
N ARG A 104 -15.19 5.41 4.57
CA ARG A 104 -15.41 6.40 5.60
C ARG A 104 -14.76 6.01 6.88
N GLY A 105 -14.77 4.73 7.23
CA GLY A 105 -14.10 4.27 8.43
C GLY A 105 -12.65 4.56 8.45
N ASP A 106 -11.99 4.41 7.35
CA ASP A 106 -10.57 4.59 7.27
C ASP A 106 -10.19 6.07 7.16
N PHE A 107 -11.01 6.86 6.48
CA PHE A 107 -10.56 8.16 6.02
C PHE A 107 -11.26 9.40 6.51
N CYS A 108 -12.34 9.32 7.27
CA CYS A 108 -12.97 10.57 7.69
C CYS A 108 -13.66 10.43 9.05
N ILE A 109 -14.17 11.56 9.55
CA ILE A 109 -14.56 11.67 10.94
C ILE A 109 -16.00 12.15 11.18
N GLN A 110 -16.43 13.11 10.39
CA GLN A 110 -17.69 13.83 10.67
C GLN A 110 -18.70 13.71 9.51
N VAL A 111 -20.01 13.61 9.76
CA VAL A 111 -20.96 13.36 8.69
C VAL A 111 -21.03 14.46 7.66
N GLY A 112 -20.82 15.70 8.07
CA GLY A 112 -20.78 16.81 7.12
C GLY A 112 -19.53 16.90 6.23
N ARG A 113 -18.54 16.06 6.50
CA ARG A 113 -17.33 15.88 5.70
C ARG A 113 -17.05 14.38 5.56
N ASN A 114 -17.95 13.71 4.86
CA ASN A 114 -17.94 12.28 4.79
C ASN A 114 -17.52 11.70 3.43
N ILE A 115 -16.73 12.50 2.71
CA ILE A 115 -15.92 12.18 1.54
C ILE A 115 -16.57 11.57 0.30
N ILE A 116 -17.73 10.92 0.42
CA ILE A 116 -18.24 10.10 -0.65
C ILE A 116 -19.73 9.94 -0.54
N HIS A 117 -20.36 9.69 -1.67
CA HIS A 117 -21.77 9.29 -1.76
C HIS A 117 -21.93 8.09 -2.64
N GLY A 118 -22.80 7.19 -2.25
CA GLY A 118 -23.20 6.12 -3.17
C GLY A 118 -24.72 6.00 -3.11
N SER A 119 -25.31 5.61 -4.23
CA SER A 119 -26.76 5.45 -4.33
C SER A 119 -27.27 4.50 -3.26
N ASP A 120 -28.48 4.81 -2.73
CA ASP A 120 -29.05 3.93 -1.71
C ASP A 120 -29.92 2.78 -2.21
N SER A 121 -30.23 2.76 -3.50
CA SER A 121 -31.14 1.78 -4.10
C SER A 121 -30.91 1.80 -5.61
N VAL A 122 -31.41 0.76 -6.28
CA VAL A 122 -31.39 0.72 -7.75
C VAL A 122 -32.18 1.88 -8.36
N LYS A 123 -33.35 2.19 -7.75
CA LYS A 123 -34.17 3.28 -8.25
C LYS A 123 -33.45 4.63 -8.13
N SER A 124 -32.85 4.88 -6.97
CA SER A 124 -32.10 6.13 -6.79
C SER A 124 -30.88 6.19 -7.73
N ALA A 125 -30.23 5.04 -7.89
CA ALA A 125 -29.07 4.93 -8.79
C ALA A 125 -29.43 5.37 -10.22
N GLU A 126 -30.55 4.89 -10.76
CA GLU A 126 -30.92 5.26 -12.12
C GLU A 126 -31.25 6.71 -12.27
N LYS A 127 -31.89 7.30 -11.26
CA LYS A 127 -32.12 8.74 -11.26
C LYS A 127 -30.84 9.57 -11.20
N GLU A 128 -29.93 9.14 -10.32
CA GLU A 128 -28.69 9.85 -10.14
C GLU A 128 -27.82 9.73 -11.40
N ILE A 129 -27.76 8.54 -11.98
CA ILE A 129 -27.01 8.40 -13.24
C ILE A 129 -27.52 9.32 -14.33
N SER A 130 -28.86 9.38 -14.46
CA SER A 130 -29.47 10.29 -15.44
C SER A 130 -29.22 11.75 -15.19
N LEU A 131 -29.17 12.16 -13.92
CA LEU A 131 -28.96 13.57 -13.58
C LEU A 131 -27.54 13.96 -13.87
N TRP A 132 -26.57 13.05 -13.58
CA TRP A 132 -25.17 13.44 -13.60
C TRP A 132 -24.50 13.10 -14.91
N PHE A 133 -25.06 12.14 -15.66
CA PHE A 133 -24.45 11.70 -16.92
C PHE A 133 -25.37 11.73 -18.12
N LYS A 134 -24.81 12.10 -19.29
CA LYS A 134 -25.50 11.92 -20.57
C LYS A 134 -25.42 10.41 -20.90
N PRO A 135 -26.43 9.83 -21.57
CA PRO A 135 -26.29 8.41 -21.92
C PRO A 135 -25.01 8.08 -22.71
N GLU A 136 -24.55 8.98 -23.57
CA GLU A 136 -23.33 8.73 -24.38
C GLU A 136 -22.06 8.72 -23.53
N GLU A 137 -22.14 9.18 -22.29
CA GLU A 137 -21.03 9.11 -21.33
C GLU A 137 -20.87 7.77 -20.62
N LEU A 138 -21.82 6.87 -20.82
CA LEU A 138 -21.80 5.51 -20.24
C LEU A 138 -21.12 4.57 -21.21
N VAL A 139 -19.98 4.01 -20.83
CA VAL A 139 -19.15 3.24 -21.73
C VAL A 139 -19.34 1.77 -21.56
N ASP A 140 -19.58 1.08 -22.68
CA ASP A 140 -19.80 -0.36 -22.66
C ASP A 140 -18.51 -1.00 -23.10
N TYR A 141 -17.98 -1.91 -22.28
CA TYR A 141 -16.81 -2.75 -22.61
C TYR A 141 -16.85 -3.94 -21.64
N LYS A 142 -16.06 -4.96 -21.94
CA LYS A 142 -16.04 -6.20 -21.22
C LYS A 142 -14.68 -6.28 -20.51
N SER A 143 -14.74 -6.42 -19.20
CA SER A 143 -13.57 -6.65 -18.36
CA SER A 143 -13.47 -6.64 -18.47
C SER A 143 -12.83 -7.95 -18.80
N CYS A 144 -11.50 -7.90 -18.99
CA CYS A 144 -10.78 -9.12 -19.31
C CYS A 144 -10.86 -10.21 -18.24
N ALA A 145 -11.11 -9.83 -17.01
CA ALA A 145 -11.23 -10.81 -15.92
C ALA A 145 -12.67 -11.22 -15.60
N HIS A 146 -13.65 -10.82 -16.40
CA HIS A 146 -15.05 -11.04 -16.08
C HIS A 146 -15.37 -12.49 -15.71
N ASP A 147 -14.83 -13.44 -16.48
CA ASP A 147 -15.14 -14.86 -16.28
C ASP A 147 -14.39 -15.45 -15.10
N TRP A 148 -13.54 -14.64 -14.47
CA TRP A 148 -12.88 -15.00 -13.18
C TRP A 148 -13.52 -14.30 -11.99
N VAL A 149 -14.31 -13.29 -12.25
CA VAL A 149 -15.11 -12.63 -11.22
C VAL A 149 -16.54 -13.24 -11.08
N TYR A 150 -17.09 -13.70 -12.22
CA TYR A 150 -18.40 -14.28 -12.27
C TYR A 150 -18.42 -15.67 -12.84
N GLU A 151 -19.23 -16.53 -12.26
CA GLU A 151 -19.42 -17.88 -12.80
C GLU A 151 -20.42 -17.82 -13.93
N ALA B 1 -9.43 26.78 20.86
CA ALA B 1 -10.38 25.75 20.31
C ALA B 1 -9.72 24.37 20.22
N ASN B 2 -9.81 23.57 21.30
CA ASN B 2 -9.15 22.25 21.38
C ASN B 2 -10.15 21.10 21.43
N LEU B 3 -10.00 20.21 20.47
CA LEU B 3 -10.77 19.04 20.41
C LEU B 3 -10.26 18.01 21.49
N GLU B 4 -11.04 16.98 21.63
CA GLU B 4 -10.65 15.82 22.43
C GLU B 4 -9.26 15.24 22.02
N ARG B 5 -8.58 14.67 23.00
CA ARG B 5 -7.29 14.03 22.81
C ARG B 5 -7.33 12.64 23.43
N THR B 6 -6.48 11.78 22.87
CA THR B 6 -6.27 10.43 23.39
C THR B 6 -4.78 10.13 23.39
N PHE B 7 -4.41 9.23 24.27
CA PHE B 7 -3.06 8.68 24.36
C PHE B 7 -3.00 7.33 23.64
N ILE B 8 -2.07 7.23 22.70
CA ILE B 8 -1.81 6.01 21.97
C ILE B 8 -0.36 5.65 22.16
N ALA B 9 -0.06 4.41 22.53
CA ALA B 9 1.34 3.97 22.62
C ALA B 9 1.49 2.70 21.76
N ILE B 10 2.52 2.72 20.92
CA ILE B 10 2.90 1.51 20.23
C ILE B 10 3.83 0.72 21.17
N LYS B 11 3.41 -0.49 21.52
CA LYS B 11 4.12 -1.33 22.44
C LYS B 11 5.40 -1.87 21.84
N PRO B 12 6.24 -2.51 22.66
CA PRO B 12 7.55 -2.97 22.16
C PRO B 12 7.48 -3.91 21.01
N ASP B 13 6.44 -4.72 20.99
CA ASP B 13 6.25 -5.61 19.86
C ASP B 13 5.93 -4.88 18.57
N GLY B 14 5.16 -3.81 18.63
CA GLY B 14 4.80 -3.01 17.46
C GLY B 14 6.06 -2.36 16.90
N VAL B 15 6.99 -1.90 17.77
CA VAL B 15 8.26 -1.36 17.32
C VAL B 15 9.11 -2.46 16.69
N GLN B 16 9.23 -3.55 17.42
CA GLN B 16 10.07 -4.65 16.97
C GLN B 16 9.65 -5.28 15.64
N ARG B 17 8.33 -5.30 15.39
CA ARG B 17 7.83 -5.92 14.17
C ARG B 17 7.67 -4.89 13.03
N GLY B 18 8.18 -3.66 13.21
CA GLY B 18 8.25 -2.70 12.13
C GLY B 18 6.94 -2.10 11.70
N LEU B 19 6.08 -1.80 12.69
CA LEU B 19 4.73 -1.34 12.42
C LEU B 19 4.50 0.12 12.81
N VAL B 20 5.57 0.84 13.18
CA VAL B 20 5.41 2.23 13.60
C VAL B 20 4.83 3.11 12.51
N GLY B 21 5.39 3.05 11.32
CA GLY B 21 4.85 3.90 10.25
C GLY B 21 3.43 3.51 9.84
N GLU B 22 3.19 2.21 9.67
CA GLU B 22 1.86 1.79 9.36
CA GLU B 22 1.83 1.72 9.42
C GLU B 22 0.81 2.28 10.35
N ILE B 23 1.09 2.25 11.64
CA ILE B 23 0.14 2.68 12.68
C ILE B 23 -0.09 4.19 12.53
N ILE B 24 1.02 4.97 12.45
CA ILE B 24 0.88 6.42 12.36
C ILE B 24 0.06 6.78 11.10
N LYS B 25 0.34 6.10 9.97
CA LYS B 25 -0.38 6.43 8.76
C LYS B 25 -1.90 6.26 8.96
N ARG B 26 -2.33 5.22 9.69
CA ARG B 26 -3.75 5.01 9.91
C ARG B 26 -4.39 6.16 10.66
N PHE B 27 -3.69 6.77 11.64
CA PHE B 27 -4.23 7.93 12.32
C PHE B 27 -4.19 9.20 11.46
N GLU B 28 -3.13 9.41 10.74
CA GLU B 28 -3.03 10.53 9.84
C GLU B 28 -4.14 10.52 8.80
N GLN B 29 -4.34 9.35 8.18
CA GLN B 29 -5.22 9.26 7.01
C GLN B 29 -6.69 9.37 7.41
N LYS B 30 -6.98 9.10 8.70
CA LYS B 30 -8.32 9.24 9.30
C LYS B 30 -8.71 10.72 9.41
N GLY B 31 -7.71 11.60 9.55
CA GLY B 31 -7.93 13.02 9.78
C GLY B 31 -7.63 13.47 11.19
N PHE B 32 -7.12 12.59 12.06
CA PHE B 32 -6.66 13.07 13.38
C PHE B 32 -5.36 13.87 13.32
N ARG B 33 -5.15 14.76 14.32
CA ARG B 33 -3.97 15.60 14.38
C ARG B 33 -2.99 15.00 15.37
N LEU B 34 -1.74 14.84 14.96
CA LEU B 34 -0.68 14.45 15.91
C LEU B 34 -0.31 15.65 16.80
N VAL B 35 -0.45 15.49 18.11
CA VAL B 35 -0.15 16.56 19.03
C VAL B 35 1.19 16.34 19.73
N ALA B 36 1.60 15.10 19.99
CA ALA B 36 2.83 14.87 20.72
C ALA B 36 3.32 13.46 20.34
N MET B 37 4.62 13.29 20.38
CA MET B 37 5.22 12.02 20.16
C MET B 37 6.64 11.95 20.74
N LYS B 38 6.95 10.79 21.34
CA LYS B 38 8.31 10.54 21.85
C LYS B 38 8.52 9.02 21.78
N PHE B 39 9.76 8.62 21.93
CA PHE B 39 10.23 7.22 21.74
C PHE B 39 11.16 6.95 22.94
N LEU B 40 10.83 5.98 23.76
CA LEU B 40 11.59 5.74 25.00
C LEU B 40 11.36 4.33 25.47
N ARG B 41 12.27 3.88 26.37
CA ARG B 41 12.08 2.69 27.14
CA ARG B 41 12.02 2.68 27.15
C ARG B 41 11.52 3.18 28.49
N ALA B 42 10.26 2.93 28.73
CA ALA B 42 9.64 3.40 29.97
C ALA B 42 10.14 2.52 31.10
N SER B 43 10.35 3.13 32.25
CA SER B 43 10.81 2.41 33.45
C SER B 43 9.70 1.50 33.95
N GLU B 44 10.07 0.44 34.68
CA GLU B 44 9.08 -0.40 35.30
C GLU B 44 8.14 0.40 36.20
N GLU B 45 8.67 1.33 37.02
CA GLU B 45 7.81 2.12 37.93
C GLU B 45 6.84 3.00 37.13
N HIS B 46 7.32 3.57 36.03
CA HIS B 46 6.46 4.43 35.20
C HIS B 46 5.28 3.59 34.64
N LEU B 47 5.62 2.39 34.17
CA LEU B 47 4.61 1.44 33.65
C LEU B 47 3.63 0.96 34.72
N LYS B 48 4.12 0.76 35.95
CA LYS B 48 3.19 0.41 37.04
C LYS B 48 2.19 1.54 37.31
N GLN B 49 2.66 2.77 37.23
CA GLN B 49 1.78 3.92 37.40
C GLN B 49 0.75 4.01 36.26
N HIS B 50 1.23 3.75 35.03
CA HIS B 50 0.35 3.77 33.86
C HIS B 50 -0.80 2.75 33.98
N TYR B 51 -0.43 1.54 34.43
CA TYR B 51 -1.34 0.44 34.57
C TYR B 51 -1.82 0.17 35.99
N ILE B 52 -1.82 1.21 36.82
CA ILE B 52 -2.11 1.05 38.24
C ILE B 52 -3.47 0.37 38.50
N ASP B 53 -4.46 0.64 37.67
CA ASP B 53 -5.78 0.04 37.90
C ASP B 53 -5.79 -1.46 37.62
N LEU B 54 -4.75 -2.00 36.99
CA LEU B 54 -4.62 -3.42 36.70
C LEU B 54 -3.73 -4.14 37.69
N LYS B 55 -3.26 -3.44 38.73
CA LYS B 55 -2.19 -3.96 39.58
C LYS B 55 -2.50 -5.27 40.28
N ASP B 56 -3.79 -5.58 40.45
CA ASP B 56 -4.19 -6.86 41.13
C ASP B 56 -4.50 -8.02 40.18
N ARG B 57 -4.42 -7.75 38.91
CA ARG B 57 -4.73 -8.72 37.88
C ARG B 57 -3.55 -9.66 37.69
N PRO B 58 -3.82 -10.95 37.41
CA PRO B 58 -2.71 -11.88 37.41
C PRO B 58 -1.68 -11.62 36.33
N PHE B 59 -2.11 -10.97 35.25
CA PHE B 59 -1.21 -10.67 34.15
C PHE B 59 -0.35 -9.41 34.35
N PHE B 60 -0.59 -8.65 35.43
CA PHE B 60 0.03 -7.31 35.59
C PHE B 60 1.56 -7.37 35.70
N PRO B 61 2.14 -8.28 36.53
CA PRO B 61 3.62 -8.29 36.51
C PRO B 61 4.26 -8.60 35.15
N GLY B 62 3.72 -9.55 34.42
CA GLY B 62 4.22 -9.88 33.07
C GLY B 62 3.97 -8.75 32.07
N LEU B 63 2.87 -8.05 32.25
CA LEU B 63 2.57 -6.87 31.39
C LEU B 63 3.62 -5.78 31.59
N VAL B 64 3.93 -5.47 32.84
CA VAL B 64 4.93 -4.45 33.13
C VAL B 64 6.29 -4.87 32.60
N LYS B 65 6.72 -6.12 32.85
CA LYS B 65 7.97 -6.58 32.36
C LYS B 65 8.07 -6.50 30.82
N TYR B 66 7.05 -7.00 30.12
CA TYR B 66 7.05 -6.88 28.66
C TYR B 66 7.07 -5.46 28.15
N MET B 67 6.30 -4.57 28.81
CA MET B 67 6.27 -3.19 28.36
C MET B 67 7.60 -2.49 28.57
N ASN B 68 8.42 -3.02 29.46
CA ASN B 68 9.75 -2.47 29.69
C ASN B 68 10.83 -3.16 28.87
N SER B 69 10.46 -4.18 28.09
CA SER B 69 11.46 -5.02 27.41
C SER B 69 11.96 -4.44 26.10
N GLY B 70 11.42 -3.30 25.69
CA GLY B 70 11.90 -2.60 24.52
C GLY B 70 11.31 -1.20 24.54
N PRO B 71 11.72 -0.33 23.62
CA PRO B 71 11.08 0.97 23.54
C PRO B 71 9.65 0.98 23.03
N VAL B 72 8.91 2.02 23.44
CA VAL B 72 7.60 2.29 22.97
C VAL B 72 7.59 3.63 22.22
N VAL B 73 6.58 3.80 21.36
CA VAL B 73 6.27 5.12 20.77
C VAL B 73 5.04 5.67 21.47
N ALA B 74 5.19 6.75 22.26
CA ALA B 74 4.11 7.41 22.98
C ALA B 74 3.61 8.60 22.15
N MET B 75 2.29 8.70 22.01
CA MET B 75 1.69 9.71 21.17
C MET B 75 0.43 10.27 21.81
N VAL B 76 0.11 11.50 21.43
CA VAL B 76 -1.17 12.09 21.69
C VAL B 76 -1.75 12.49 20.31
N TRP B 77 -3.02 12.12 20.10
CA TRP B 77 -3.75 12.46 18.89
C TRP B 77 -4.99 13.24 19.31
N GLU B 78 -5.40 14.16 18.43
CA GLU B 78 -6.53 15.07 18.65
CA GLU B 78 -6.54 15.02 18.66
C GLU B 78 -7.58 14.86 17.56
N GLY B 79 -8.84 14.84 17.99
CA GLY B 79 -9.96 15.04 17.05
C GLY B 79 -11.27 14.68 17.72
N LEU B 80 -12.35 14.94 16.98
CA LEU B 80 -13.66 14.62 17.51
C LEU B 80 -13.76 13.14 17.84
N ASN B 81 -14.18 12.84 19.09
CA ASN B 81 -14.38 11.48 19.59
C ASN B 81 -13.16 10.59 19.36
N VAL B 82 -12.00 11.19 19.44
CA VAL B 82 -10.80 10.43 19.15
C VAL B 82 -10.57 9.28 20.13
N VAL B 83 -11.02 9.44 21.38
CA VAL B 83 -10.79 8.35 22.33
C VAL B 83 -11.58 7.09 21.89
N LYS B 84 -12.89 7.21 21.65
CA LYS B 84 -13.70 6.06 21.28
C LYS B 84 -13.31 5.58 19.88
N THR B 85 -13.16 6.53 18.95
CA THR B 85 -12.81 6.15 17.60
C THR B 85 -11.44 5.52 17.53
N GLY B 86 -10.48 6.06 18.28
CA GLY B 86 -9.20 5.41 18.37
C GLY B 86 -9.31 3.96 18.81
N ARG B 87 -10.15 3.67 19.79
CA ARG B 87 -10.29 2.29 20.22
C ARG B 87 -10.91 1.42 19.15
N VAL B 88 -11.84 1.94 18.39
CA VAL B 88 -12.42 1.18 17.30
C VAL B 88 -11.35 0.88 16.26
N MET B 89 -10.49 1.86 15.96
CA MET B 89 -9.40 1.67 14.99
CA MET B 89 -9.40 1.67 15.00
C MET B 89 -8.41 0.62 15.45
N LEU B 90 -8.13 0.60 16.75
CA LEU B 90 -7.19 -0.35 17.31
C LEU B 90 -7.76 -1.77 17.26
N GLY B 91 -9.06 -1.89 17.47
CA GLY B 91 -9.74 -3.17 17.53
C GLY B 91 -9.80 -3.62 18.96
N GLU B 92 -10.45 -4.76 19.22
CA GLU B 92 -10.61 -5.23 20.59
C GLU B 92 -9.26 -5.52 21.23
N THR B 93 -9.14 -5.29 22.53
CA THR B 93 -7.89 -5.52 23.20
C THR B 93 -7.38 -6.96 23.00
N ASN B 94 -8.25 -7.95 22.95
CA ASN B 94 -7.85 -9.31 22.61
C ASN B 94 -7.87 -9.45 21.06
N PRO B 95 -6.70 -9.61 20.41
CA PRO B 95 -6.66 -9.67 18.94
C PRO B 95 -7.51 -10.77 18.32
N ALA B 96 -7.78 -11.81 19.11
CA ALA B 96 -8.68 -12.91 18.67
C ALA B 96 -10.04 -12.35 18.25
N ASP B 97 -10.47 -11.31 18.94
CA ASP B 97 -11.75 -10.70 18.68
C ASP B 97 -11.71 -9.42 17.85
N SER B 98 -10.52 -8.98 17.48
CA SER B 98 -10.38 -7.78 16.64
C SER B 98 -10.71 -8.08 15.21
N LYS B 99 -11.44 -7.18 14.55
CA LYS B 99 -11.88 -7.47 13.21
C LYS B 99 -10.78 -7.11 12.21
N PRO B 100 -10.75 -7.85 11.06
CA PRO B 100 -9.89 -7.41 9.94
C PRO B 100 -10.21 -5.96 9.58
N GLY B 101 -9.17 -5.20 9.28
CA GLY B 101 -9.31 -3.77 9.05
C GLY B 101 -8.83 -2.92 10.24
N THR B 102 -8.91 -3.48 11.45
CA THR B 102 -8.36 -2.82 12.63
C THR B 102 -6.88 -3.07 12.73
N ILE B 103 -6.19 -2.29 13.53
CA ILE B 103 -4.77 -2.46 13.76
C ILE B 103 -4.45 -3.83 14.36
N ARG B 104 -5.09 -4.21 15.44
CA ARG B 104 -4.78 -5.49 16.04
C ARG B 104 -5.32 -6.63 15.18
N GLY B 105 -6.43 -6.40 14.49
CA GLY B 105 -7.01 -7.46 13.65
C GLY B 105 -6.10 -7.77 12.46
N ASP B 106 -5.45 -6.76 11.90
CA ASP B 106 -4.56 -6.95 10.80
C ASP B 106 -3.20 -7.48 11.22
N PHE B 107 -2.69 -7.10 12.39
CA PHE B 107 -1.29 -7.23 12.65
C PHE B 107 -0.83 -8.04 13.84
N CYS B 108 -1.73 -8.61 14.65
CA CYS B 108 -1.23 -9.40 15.76
C CYS B 108 -2.26 -10.47 16.18
N ILE B 109 -1.85 -11.31 17.13
CA ILE B 109 -2.50 -12.56 17.42
C ILE B 109 -2.95 -12.75 18.89
N GLN B 110 -2.08 -12.38 19.84
CA GLN B 110 -2.27 -12.72 21.27
C GLN B 110 -2.38 -11.48 22.15
N VAL B 111 -3.23 -11.53 23.18
CA VAL B 111 -3.43 -10.37 24.03
C VAL B 111 -2.17 -9.86 24.69
N GLY B 112 -1.27 -10.75 25.07
CA GLY B 112 -0.02 -10.33 25.70
C GLY B 112 1.01 -9.74 24.76
N ARG B 113 0.71 -9.76 23.46
CA ARG B 113 1.55 -9.18 22.43
C ARG B 113 0.61 -8.47 21.41
N ASN B 114 -0.10 -7.47 21.88
CA ASN B 114 -1.17 -6.86 21.15
C ASN B 114 -0.84 -5.44 20.65
N ILE B 115 0.46 -5.21 20.39
CA ILE B 115 1.08 -4.09 19.65
C ILE B 115 0.82 -2.62 20.02
N ILE B 116 -0.29 -2.34 20.68
CA ILE B 116 -0.69 -0.95 20.86
C ILE B 116 -1.61 -0.84 22.06
N HIS B 117 -1.63 0.37 22.63
CA HIS B 117 -2.47 0.80 23.72
C HIS B 117 -3.18 2.10 23.28
N GLY B 118 -4.49 2.19 23.61
CA GLY B 118 -5.19 3.44 23.52
C GLY B 118 -6.01 3.69 24.78
N SER B 119 -6.14 4.96 25.19
CA SER B 119 -6.88 5.27 26.38
C SER B 119 -8.31 4.72 26.27
N ASP B 120 -8.88 4.33 27.41
CA ASP B 120 -10.23 3.80 27.41
C ASP B 120 -11.35 4.85 27.60
N SER B 121 -11.03 6.08 28.01
CA SER B 121 -11.99 7.13 28.29
C SER B 121 -11.28 8.46 28.22
N VAL B 122 -12.06 9.53 28.15
CA VAL B 122 -11.51 10.86 28.14
C VAL B 122 -10.73 11.10 29.43
N LYS B 123 -11.29 10.68 30.59
CA LYS B 123 -10.56 10.91 31.82
C LYS B 123 -9.24 10.11 31.90
N SER B 124 -9.25 8.86 31.43
N SER B 124 -9.21 8.87 31.43
CA SER B 124 -8.04 8.06 31.34
CA SER B 124 -7.99 8.12 31.42
C SER B 124 -7.05 8.72 30.45
C SER B 124 -7.02 8.71 30.43
N ALA B 125 -7.52 9.22 29.31
CA ALA B 125 -6.65 9.90 28.36
C ALA B 125 -5.93 11.09 29.00
N GLU B 126 -6.68 11.89 29.76
CA GLU B 126 -6.03 13.07 30.35
C GLU B 126 -4.98 12.67 31.40
N LYS B 127 -5.30 11.61 32.16
CA LYS B 127 -4.32 11.10 33.12
C LYS B 127 -3.05 10.57 32.42
N GLU B 128 -3.29 9.79 31.37
CA GLU B 128 -2.18 9.21 30.67
C GLU B 128 -1.31 10.26 29.97
N ILE B 129 -1.96 11.25 29.34
CA ILE B 129 -1.24 12.30 28.68
C ILE B 129 -0.33 13.03 29.69
N SER B 130 -0.88 13.32 30.86
CA SER B 130 -0.11 14.01 31.89
C SER B 130 1.03 13.16 32.44
N LEU B 131 0.81 11.85 32.49
CA LEU B 131 1.85 10.95 33.03
C LEU B 131 3.05 10.90 32.06
N TRP B 132 2.76 10.79 30.74
CA TRP B 132 3.76 10.53 29.76
C TRP B 132 4.45 11.75 29.14
N PHE B 133 3.77 12.90 29.19
CA PHE B 133 4.22 14.11 28.51
C PHE B 133 4.27 15.31 29.44
N LYS B 134 5.24 16.18 29.21
CA LYS B 134 5.27 17.51 29.83
C LYS B 134 4.35 18.39 29.02
N PRO B 135 3.72 19.40 29.66
CA PRO B 135 2.77 20.21 28.90
C PRO B 135 3.34 20.85 27.61
N GLU B 136 4.60 21.27 27.66
CA GLU B 136 5.22 21.87 26.52
C GLU B 136 5.52 20.89 25.36
N GLU B 137 5.43 19.59 25.60
CA GLU B 137 5.59 18.57 24.51
C GLU B 137 4.31 18.46 23.67
N LEU B 138 3.21 19.09 24.06
CA LEU B 138 1.94 19.06 23.33
C LEU B 138 1.94 20.23 22.37
N VAL B 139 2.04 20.00 21.08
CA VAL B 139 2.19 21.09 20.11
C VAL B 139 0.83 21.54 19.55
N ASP B 140 0.62 22.85 19.60
CA ASP B 140 -0.57 23.50 19.09
C ASP B 140 -0.24 23.95 17.68
N TYR B 141 -0.94 23.42 16.70
CA TYR B 141 -0.83 23.83 15.31
C TYR B 141 -2.13 23.49 14.65
N LYS B 142 -2.33 24.11 13.47
CA LYS B 142 -3.59 23.92 12.73
C LYS B 142 -3.36 23.08 11.48
N SER B 143 -4.09 21.97 11.36
CA SER B 143 -3.99 21.09 10.22
CA SER B 143 -3.95 21.12 10.16
C SER B 143 -4.42 21.84 8.93
N CYS B 144 -3.60 21.80 7.85
CA CYS B 144 -4.00 22.49 6.61
C CYS B 144 -5.34 21.98 6.02
N ALA B 145 -5.71 20.73 6.33
CA ALA B 145 -6.97 20.20 5.80
C ALA B 145 -8.13 20.23 6.81
N HIS B 146 -7.95 20.93 7.94
CA HIS B 146 -8.95 20.98 8.99
C HIS B 146 -10.34 21.26 8.47
N ASP B 147 -10.47 22.25 7.60
CA ASP B 147 -11.82 22.63 7.14
C ASP B 147 -12.44 21.68 6.13
N TRP B 148 -11.67 20.69 5.67
CA TRP B 148 -12.17 19.57 4.85
C TRP B 148 -12.41 18.31 5.69
N VAL B 149 -11.99 18.26 6.96
CA VAL B 149 -12.32 17.18 7.87
C VAL B 149 -13.49 17.56 8.76
N TYR B 150 -13.63 18.87 9.07
CA TYR B 150 -14.67 19.33 10.00
C TYR B 150 -15.52 20.39 9.37
N GLU B 151 -16.85 20.33 9.56
CA GLU B 151 -17.70 21.43 9.09
C GLU B 151 -17.59 22.60 10.05
N GLU C 4 -1.16 -24.55 16.27
CA GLU C 4 -2.07 -25.08 15.28
C GLU C 4 -1.67 -24.76 13.83
N ARG C 5 -2.14 -25.59 12.89
CA ARG C 5 -1.94 -25.40 11.43
C ARG C 5 -3.25 -25.43 10.68
N THR C 6 -3.29 -24.62 9.61
CA THR C 6 -4.41 -24.60 8.71
C THR C 6 -3.92 -24.70 7.25
N PHE C 7 -4.81 -25.20 6.39
CA PHE C 7 -4.58 -25.23 4.96
C PHE C 7 -5.31 -24.05 4.31
N ILE C 8 -4.55 -23.25 3.56
CA ILE C 8 -5.13 -22.19 2.77
C ILE C 8 -4.81 -22.38 1.30
N ALA C 9 -5.84 -22.31 0.44
CA ALA C 9 -5.61 -22.47 -1.02
C ALA C 9 -6.14 -21.22 -1.72
N ILE C 10 -5.30 -20.63 -2.55
CA ILE C 10 -5.72 -19.49 -3.40
C ILE C 10 -6.26 -20.19 -4.65
N LYS C 11 -7.51 -19.97 -4.94
CA LYS C 11 -8.23 -20.68 -6.01
C LYS C 11 -7.89 -20.11 -7.37
N PRO C 12 -8.28 -20.78 -8.47
CA PRO C 12 -7.79 -20.32 -9.78
C PRO C 12 -8.04 -18.83 -10.11
N ASP C 13 -9.18 -18.32 -9.65
CA ASP C 13 -9.53 -16.93 -9.85
C ASP C 13 -8.65 -15.96 -9.06
N GLY C 14 -8.22 -16.38 -7.88
CA GLY C 14 -7.26 -15.57 -7.12
C GLY C 14 -5.95 -15.45 -7.84
N VAL C 15 -5.43 -16.56 -8.41
CA VAL C 15 -4.21 -16.53 -9.18
C VAL C 15 -4.42 -15.67 -10.43
N GLN C 16 -5.52 -15.93 -11.15
CA GLN C 16 -5.76 -15.21 -12.42
C GLN C 16 -5.88 -13.70 -12.27
N ARG C 17 -6.44 -13.27 -11.13
CA ARG C 17 -6.65 -11.84 -10.89
C ARG C 17 -5.47 -11.23 -10.16
N GLY C 18 -4.37 -11.97 -9.96
CA GLY C 18 -3.15 -11.31 -9.50
C GLY C 18 -3.13 -10.96 -8.01
N LEU C 19 -3.72 -11.81 -7.19
CA LEU C 19 -3.89 -11.58 -5.77
C LEU C 19 -3.00 -12.45 -4.88
N VAL C 20 -2.05 -13.17 -5.47
CA VAL C 20 -1.23 -14.12 -4.66
C VAL C 20 -0.40 -13.34 -3.64
N GLY C 21 0.31 -12.30 -4.09
CA GLY C 21 1.14 -11.51 -3.15
C GLY C 21 0.34 -10.83 -2.05
N GLU C 22 -0.76 -10.19 -2.47
CA GLU C 22 -1.66 -9.54 -1.51
C GLU C 22 -2.09 -10.51 -0.44
N ILE C 23 -2.49 -11.70 -0.82
CA ILE C 23 -3.04 -12.68 0.13
C ILE C 23 -1.97 -13.17 1.09
N ILE C 24 -0.80 -13.51 0.54
CA ILE C 24 0.30 -13.96 1.39
C ILE C 24 0.66 -12.85 2.39
N LYS C 25 0.77 -11.62 1.91
CA LYS C 25 1.11 -10.50 2.81
C LYS C 25 0.17 -10.36 4.00
N ARG C 26 -1.09 -10.65 3.78
CA ARG C 26 -2.01 -10.61 4.87
C ARG C 26 -1.70 -11.59 5.97
N PHE C 27 -1.33 -12.78 5.60
CA PHE C 27 -0.98 -13.81 6.57
C PHE C 27 0.36 -13.51 7.22
N GLU C 28 1.33 -13.04 6.46
CA GLU C 28 2.65 -12.71 7.00
C GLU C 28 2.51 -11.56 8.03
N GLN C 29 1.75 -10.51 7.68
CA GLN C 29 1.70 -9.31 8.53
C GLN C 29 0.96 -9.53 9.82
N LYS C 30 0.11 -10.56 9.83
CA LYS C 30 -0.68 -10.95 10.97
C LYS C 30 0.21 -11.60 12.05
N GLY C 31 1.32 -12.20 11.60
CA GLY C 31 2.22 -12.94 12.49
C GLY C 31 2.17 -14.43 12.35
N PHE C 32 1.45 -14.96 11.36
CA PHE C 32 1.43 -16.43 11.14
C PHE C 32 2.69 -16.85 10.41
N ARG C 33 3.07 -18.11 10.66
CA ARG C 33 4.26 -18.68 10.00
C ARG C 33 3.92 -19.57 8.81
N LEU C 34 4.52 -19.26 7.67
CA LEU C 34 4.33 -20.11 6.51
C LEU C 34 5.13 -21.43 6.66
N VAL C 35 4.42 -22.53 6.57
CA VAL C 35 4.99 -23.85 6.82
C VAL C 35 5.24 -24.59 5.47
N ALA C 36 4.37 -24.39 4.48
CA ALA C 36 4.43 -25.16 3.22
C ALA C 36 3.78 -24.31 2.16
N MET C 37 4.23 -24.46 0.90
CA MET C 37 3.60 -23.75 -0.19
C MET C 37 4.03 -24.43 -1.48
N LYS C 38 3.04 -24.56 -2.35
CA LYS C 38 3.33 -25.10 -3.73
C LYS C 38 2.29 -24.51 -4.68
N PHE C 39 2.61 -24.48 -5.95
CA PHE C 39 1.75 -23.95 -7.01
C PHE C 39 1.55 -25.13 -7.98
N LEU C 40 0.32 -25.40 -8.35
CA LEU C 40 0.00 -26.56 -9.19
C LEU C 40 -1.38 -26.41 -9.76
N ARG C 41 -1.57 -27.11 -10.89
N ARG C 41 -1.61 -27.11 -10.89
CA ARG C 41 -2.90 -27.45 -11.37
CA ARG C 41 -2.97 -27.36 -11.38
C ARG C 41 -3.24 -28.75 -10.66
C ARG C 41 -3.37 -28.72 -10.80
N ALA C 42 -4.22 -28.69 -9.77
CA ALA C 42 -4.67 -29.90 -9.06
C ALA C 42 -5.44 -30.76 -10.08
N SER C 43 -5.14 -32.06 -10.10
CA SER C 43 -5.80 -32.98 -11.00
C SER C 43 -7.23 -33.13 -10.62
N GLU C 44 -8.06 -33.56 -11.57
CA GLU C 44 -9.44 -33.78 -11.28
C GLU C 44 -9.55 -34.86 -10.22
N GLU C 45 -8.71 -35.87 -10.28
CA GLU C 45 -8.75 -36.93 -9.28
C GLU C 45 -8.35 -36.43 -7.87
N HIS C 46 -7.37 -35.53 -7.79
CA HIS C 46 -6.95 -34.93 -6.53
C HIS C 46 -8.09 -34.08 -5.98
N LEU C 47 -8.72 -33.29 -6.86
CA LEU C 47 -9.87 -32.45 -6.44
C LEU C 47 -11.09 -33.25 -6.03
N LYS C 48 -11.32 -34.39 -6.70
CA LYS C 48 -12.48 -35.27 -6.33
C LYS C 48 -12.27 -35.81 -4.93
N GLN C 49 -11.03 -36.09 -4.55
CA GLN C 49 -10.70 -36.45 -3.17
C GLN C 49 -10.91 -35.28 -2.20
N HIS C 50 -10.41 -34.11 -2.60
CA HIS C 50 -10.53 -32.93 -1.71
C HIS C 50 -12.00 -32.67 -1.39
N TYR C 51 -12.87 -32.80 -2.41
CA TYR C 51 -14.29 -32.54 -2.36
C TYR C 51 -15.17 -33.77 -2.24
N ILE C 52 -14.59 -34.82 -1.71
CA ILE C 52 -15.28 -36.13 -1.73
C ILE C 52 -16.64 -36.06 -1.03
N ASP C 53 -16.74 -35.28 0.05
CA ASP C 53 -18.02 -35.12 0.77
C ASP C 53 -19.14 -34.64 -0.12
N LEU C 54 -18.81 -34.07 -1.28
CA LEU C 54 -19.78 -33.46 -2.16
C LEU C 54 -20.04 -34.23 -3.46
N LYS C 55 -19.50 -35.44 -3.55
CA LYS C 55 -19.49 -36.21 -4.84
C LYS C 55 -20.90 -36.52 -5.39
N ASP C 56 -21.88 -36.56 -4.50
CA ASP C 56 -23.25 -36.85 -4.89
C ASP C 56 -24.07 -35.60 -5.27
N ARG C 57 -23.50 -34.39 -5.15
CA ARG C 57 -24.25 -33.17 -5.48
C ARG C 57 -24.20 -32.85 -6.99
N PRO C 58 -25.27 -32.23 -7.54
CA PRO C 58 -25.30 -31.94 -8.99
C PRO C 58 -24.30 -30.86 -9.47
N PHE C 59 -23.75 -30.09 -8.53
CA PHE C 59 -22.76 -29.06 -8.87
C PHE C 59 -21.33 -29.57 -8.80
N PHE C 60 -21.14 -30.79 -8.29
CA PHE C 60 -19.81 -31.40 -8.11
C PHE C 60 -18.97 -31.47 -9.42
N PRO C 61 -19.54 -31.91 -10.56
CA PRO C 61 -18.72 -31.81 -11.77
C PRO C 61 -18.21 -30.40 -12.12
N GLY C 62 -19.09 -29.41 -12.09
CA GLY C 62 -18.75 -28.02 -12.40
C GLY C 62 -17.76 -27.44 -11.42
N LEU C 63 -17.88 -27.82 -10.14
CA LEU C 63 -16.90 -27.41 -9.11
C LEU C 63 -15.52 -27.96 -9.42
N VAL C 64 -15.44 -29.24 -9.75
CA VAL C 64 -14.15 -29.82 -10.07
C VAL C 64 -13.54 -29.19 -11.34
N LYS C 65 -14.35 -28.98 -12.40
CA LYS C 65 -13.94 -28.27 -13.62
C LYS C 65 -13.34 -26.90 -13.28
N TYR C 66 -14.07 -26.13 -12.50
CA TYR C 66 -13.59 -24.80 -12.05
C TYR C 66 -12.26 -24.91 -11.34
N MET C 67 -12.16 -25.84 -10.38
CA MET C 67 -10.99 -25.87 -9.50
C MET C 67 -9.79 -26.45 -10.26
N ASN C 68 -10.04 -27.13 -11.39
CA ASN C 68 -9.01 -27.64 -12.26
C ASN C 68 -8.70 -26.66 -13.41
N SER C 69 -9.44 -25.55 -13.51
CA SER C 69 -9.36 -24.68 -14.68
C SER C 69 -8.20 -23.68 -14.71
N GLY C 70 -7.43 -23.68 -13.63
CA GLY C 70 -6.15 -23.04 -13.62
C GLY C 70 -5.45 -23.43 -12.35
N PRO C 71 -4.20 -23.02 -12.21
CA PRO C 71 -3.46 -23.41 -11.05
C PRO C 71 -3.98 -22.77 -9.79
N VAL C 72 -3.62 -23.38 -8.69
CA VAL C 72 -3.91 -22.89 -7.35
C VAL C 72 -2.59 -22.75 -6.55
N VAL C 73 -2.61 -21.87 -5.52
CA VAL C 73 -1.44 -21.85 -4.59
C VAL C 73 -1.94 -22.55 -3.33
N ALA C 74 -1.29 -23.65 -2.96
CA ALA C 74 -1.60 -24.40 -1.77
C ALA C 74 -0.62 -24.02 -0.65
N MET C 75 -1.13 -23.70 0.54
CA MET C 75 -0.26 -23.33 1.62
C MET C 75 -0.71 -23.90 2.94
N VAL C 76 0.25 -24.03 3.83
CA VAL C 76 -0.01 -24.36 5.25
C VAL C 76 0.57 -23.19 6.08
N TRP C 77 -0.22 -22.67 7.03
CA TRP C 77 0.17 -21.61 7.95
C TRP C 77 -0.04 -22.13 9.36
N GLU C 78 0.81 -21.64 10.26
CA GLU C 78 0.85 -22.05 11.62
C GLU C 78 0.67 -20.83 12.54
N GLY C 79 -0.12 -21.00 13.61
CA GLY C 79 -0.18 -20.02 14.69
C GLY C 79 -1.32 -20.34 15.64
N LEU C 80 -1.37 -19.58 16.72
CA LEU C 80 -2.46 -19.72 17.66
C LEU C 80 -3.80 -19.48 17.00
N ASN C 81 -4.69 -20.47 17.06
N ASN C 81 -4.69 -20.47 17.10
CA ASN C 81 -6.04 -20.32 16.53
CA ASN C 81 -6.04 -20.40 16.52
C ASN C 81 -6.08 -20.05 15.05
C ASN C 81 -6.01 -19.96 15.08
N VAL C 82 -5.02 -20.45 14.34
CA VAL C 82 -4.88 -20.07 12.91
C VAL C 82 -6.05 -20.60 12.05
N VAL C 83 -6.66 -21.73 12.40
CA VAL C 83 -7.80 -22.21 11.66
C VAL C 83 -8.94 -21.20 11.70
N LYS C 84 -9.41 -20.84 12.92
CA LYS C 84 -10.54 -19.94 13.05
C LYS C 84 -10.19 -18.52 12.61
N THR C 85 -8.97 -18.07 12.95
CA THR C 85 -8.56 -16.71 12.61
C THR C 85 -8.36 -16.60 11.09
N GLY C 86 -7.84 -17.67 10.47
CA GLY C 86 -7.70 -17.67 9.01
C GLY C 86 -9.05 -17.49 8.35
N ARG C 87 -10.08 -18.15 8.87
CA ARG C 87 -11.40 -17.99 8.28
C ARG C 87 -11.89 -16.56 8.46
N VAL C 88 -11.69 -16.01 9.65
CA VAL C 88 -12.09 -14.64 9.87
C VAL C 88 -11.39 -13.67 8.83
N MET C 89 -10.12 -13.93 8.56
CA MET C 89 -9.35 -13.09 7.65
C MET C 89 -9.83 -13.23 6.20
N LEU C 90 -10.35 -14.42 5.84
CA LEU C 90 -10.84 -14.64 4.52
C LEU C 90 -12.17 -13.95 4.33
N GLY C 91 -12.98 -13.90 5.38
CA GLY C 91 -14.32 -13.39 5.30
C GLY C 91 -15.27 -14.55 5.14
N GLU C 92 -16.54 -14.26 5.00
CA GLU C 92 -17.56 -15.32 4.92
C GLU C 92 -17.48 -15.97 3.58
N THR C 93 -18.03 -17.16 3.50
CA THR C 93 -17.92 -17.93 2.29
C THR C 93 -18.53 -17.19 1.08
N ASN C 94 -19.70 -16.55 1.27
CA ASN C 94 -20.27 -15.62 0.28
C ASN C 94 -19.61 -14.23 0.36
N PRO C 95 -18.93 -13.79 -0.70
CA PRO C 95 -18.32 -12.47 -0.68
C PRO C 95 -19.28 -11.31 -0.32
N ALA C 96 -20.54 -11.44 -0.72
CA ALA C 96 -21.56 -10.42 -0.45
C ALA C 96 -21.71 -10.16 1.05
N ASP C 97 -21.49 -11.19 1.84
CA ASP C 97 -21.56 -11.09 3.30
C ASP C 97 -20.20 -10.83 3.98
N SER C 98 -19.11 -10.85 3.21
CA SER C 98 -17.78 -10.64 3.76
C SER C 98 -17.50 -9.15 3.96
N LYS C 99 -16.98 -8.82 5.12
CA LYS C 99 -16.84 -7.40 5.47
C LYS C 99 -15.64 -6.76 4.76
N PRO C 100 -15.70 -5.45 4.45
CA PRO C 100 -14.50 -4.73 4.03
C PRO C 100 -13.38 -4.97 5.06
N GLY C 101 -12.18 -5.26 4.60
CA GLY C 101 -11.06 -5.58 5.47
C GLY C 101 -10.65 -7.03 5.33
N THR C 102 -11.61 -7.90 4.96
CA THR C 102 -11.35 -9.31 4.73
C THR C 102 -10.89 -9.50 3.29
N ILE C 103 -10.33 -10.67 3.01
CA ILE C 103 -9.86 -10.95 1.66
C ILE C 103 -11.03 -10.99 0.68
N ARG C 104 -12.06 -11.76 1.01
CA ARG C 104 -13.18 -11.85 0.08
C ARG C 104 -13.92 -10.52 0.02
N GLY C 105 -14.06 -9.80 1.17
CA GLY C 105 -14.75 -8.53 1.17
C GLY C 105 -14.04 -7.48 0.31
N ASP C 106 -12.72 -7.52 0.31
CA ASP C 106 -11.97 -6.52 -0.41
C ASP C 106 -11.89 -6.86 -1.92
N PHE C 107 -11.85 -8.15 -2.24
CA PHE C 107 -11.33 -8.54 -3.56
C PHE C 107 -12.26 -9.33 -4.44
N CYS C 108 -13.44 -9.76 -4.00
CA CYS C 108 -14.30 -10.48 -4.96
C CYS C 108 -15.77 -10.28 -4.69
N ILE C 109 -16.63 -10.83 -5.52
CA ILE C 109 -18.05 -10.43 -5.60
C ILE C 109 -19.02 -11.61 -5.44
N GLN C 110 -18.70 -12.74 -6.08
CA GLN C 110 -19.67 -13.84 -6.22
C GLN C 110 -19.19 -15.13 -5.57
N VAL C 111 -20.12 -15.87 -4.95
CA VAL C 111 -19.72 -17.04 -4.16
C VAL C 111 -18.99 -18.11 -4.97
N GLY C 112 -19.36 -18.24 -6.24
CA GLY C 112 -18.66 -19.18 -7.12
C GLY C 112 -17.29 -18.78 -7.64
N ARG C 113 -16.90 -17.54 -7.35
CA ARG C 113 -15.56 -17.05 -7.68
C ARG C 113 -15.05 -16.30 -6.42
N ASN C 114 -14.79 -17.05 -5.37
CA ASN C 114 -14.53 -16.46 -4.06
C ASN C 114 -13.07 -16.59 -3.59
N ILE C 115 -12.20 -16.77 -4.58
CA ILE C 115 -10.71 -16.55 -4.56
C ILE C 115 -9.85 -17.39 -3.62
N ILE C 116 -10.43 -17.92 -2.52
CA ILE C 116 -9.61 -18.53 -1.49
C ILE C 116 -10.43 -19.56 -0.73
N HIS C 117 -9.73 -20.58 -0.21
CA HIS C 117 -10.27 -21.54 0.76
C HIS C 117 -9.37 -21.54 2.01
N GLY C 118 -9.97 -21.70 3.18
CA GLY C 118 -9.24 -22.10 4.37
C GLY C 118 -9.98 -23.21 5.09
N SER C 119 -9.25 -24.05 5.80
CA SER C 119 -9.86 -25.18 6.52
C SER C 119 -10.94 -24.66 7.48
N ASP C 120 -12.03 -25.41 7.62
CA ASP C 120 -13.12 -24.98 8.50
C ASP C 120 -12.93 -25.40 9.96
N SER C 121 -12.01 -26.31 10.21
CA SER C 121 -11.76 -26.87 11.54
C SER C 121 -10.39 -27.53 11.59
N VAL C 122 -9.90 -27.77 12.80
CA VAL C 122 -8.62 -28.46 12.97
C VAL C 122 -8.68 -29.86 12.34
N LYS C 123 -9.82 -30.54 12.55
CA LYS C 123 -10.12 -31.83 11.91
C LYS C 123 -9.88 -31.78 10.38
N SER C 124 -10.57 -30.85 9.73
CA SER C 124 -10.49 -30.73 8.26
C SER C 124 -9.10 -30.31 7.82
N ALA C 125 -8.47 -29.46 8.63
CA ALA C 125 -7.14 -29.01 8.33
C ALA C 125 -6.16 -30.14 8.30
N GLU C 126 -6.21 -31.01 9.29
CA GLU C 126 -5.26 -32.13 9.24
C GLU C 126 -5.50 -33.04 8.04
N LYS C 127 -6.76 -33.25 7.68
CA LYS C 127 -7.15 -33.98 6.45
C LYS C 127 -6.58 -33.32 5.18
N GLU C 128 -6.84 -32.01 5.04
CA GLU C 128 -6.42 -31.26 3.87
C GLU C 128 -4.88 -31.22 3.76
N ILE C 129 -4.20 -31.01 4.88
CA ILE C 129 -2.74 -30.96 4.88
C ILE C 129 -2.14 -32.29 4.40
N SER C 130 -2.68 -33.41 4.92
CA SER C 130 -2.22 -34.73 4.52
C SER C 130 -2.46 -35.02 3.04
N LEU C 131 -3.58 -34.53 2.53
CA LEU C 131 -3.91 -34.71 1.13
C LEU C 131 -3.03 -33.91 0.19
N TRP C 132 -2.79 -32.63 0.54
CA TRP C 132 -2.17 -31.70 -0.38
C TRP C 132 -0.63 -31.67 -0.35
N PHE C 133 -0.05 -32.12 0.78
CA PHE C 133 1.36 -32.02 1.05
C PHE C 133 1.95 -33.32 1.54
N LYS C 134 3.20 -33.53 1.18
CA LYS C 134 4.00 -34.60 1.75
C LYS C 134 4.55 -34.10 3.09
N PRO C 135 4.78 -34.97 4.09
CA PRO C 135 5.33 -34.46 5.37
C PRO C 135 6.62 -33.69 5.20
N GLU C 136 7.45 -34.10 4.27
CA GLU C 136 8.74 -33.46 4.06
C GLU C 136 8.64 -32.07 3.43
N GLU C 137 7.47 -31.73 2.91
CA GLU C 137 7.17 -30.35 2.41
C GLU C 137 6.73 -29.35 3.52
N LEU C 138 6.58 -29.82 4.76
CA LEU C 138 6.21 -28.98 5.92
C LEU C 138 7.50 -28.57 6.60
N VAL C 139 7.88 -27.31 6.43
CA VAL C 139 9.22 -26.88 6.82
C VAL C 139 9.17 -26.30 8.24
N ASP C 140 10.10 -26.73 9.07
CA ASP C 140 10.23 -26.28 10.45
C ASP C 140 11.26 -25.24 10.54
N TYR C 141 10.89 -24.10 11.13
CA TYR C 141 11.84 -23.03 11.44
C TYR C 141 11.16 -22.13 12.43
N LYS C 142 11.93 -21.26 13.07
CA LYS C 142 11.36 -20.35 14.05
C LYS C 142 11.47 -18.94 13.47
N SER C 143 10.34 -18.26 13.48
CA SER C 143 10.27 -16.87 13.08
CA SER C 143 10.32 -16.86 13.09
C SER C 143 11.17 -15.98 14.02
N CYS C 144 11.95 -15.11 13.44
CA CYS C 144 12.75 -14.18 14.25
C CYS C 144 11.92 -13.26 15.15
N ALA C 145 10.68 -13.04 14.79
CA ALA C 145 9.77 -12.21 15.60
C ALA C 145 8.89 -13.02 16.56
N HIS C 146 9.17 -14.32 16.68
CA HIS C 146 8.32 -15.18 17.51
C HIS C 146 8.05 -14.60 18.93
N ASP C 147 9.11 -14.13 19.56
CA ASP C 147 8.99 -13.65 20.96
C ASP C 147 8.23 -12.35 21.05
N TRP C 148 8.00 -11.72 19.93
CA TRP C 148 7.21 -10.49 19.85
C TRP C 148 5.78 -10.70 19.37
N VAL C 149 5.47 -11.88 18.85
CA VAL C 149 4.14 -12.32 18.48
C VAL C 149 3.50 -13.08 19.63
N TYR C 150 4.31 -13.83 20.38
CA TYR C 150 3.79 -14.67 21.47
C TYR C 150 4.51 -14.39 22.78
N GLU C 151 3.74 -14.41 23.86
CA GLU C 151 4.39 -14.38 25.19
C GLU C 151 4.92 -15.80 25.51
N ALA D 1 5.76 29.40 -12.09
CA ALA D 1 5.61 28.43 -13.16
C ALA D 1 4.67 27.34 -12.74
N ASN D 2 4.12 27.62 -11.56
CA ASN D 2 3.23 26.70 -10.86
C ASN D 2 1.86 26.47 -11.53
N LEU D 3 1.58 27.14 -12.64
CA LEU D 3 0.36 26.97 -13.36
C LEU D 3 0.51 26.09 -14.63
N GLU D 4 1.69 25.55 -14.87
CA GLU D 4 1.80 24.61 -16.00
C GLU D 4 0.85 23.42 -15.86
N ARG D 5 0.38 22.97 -17.00
CA ARG D 5 -0.50 21.80 -17.08
C ARG D 5 0.02 20.77 -18.07
N THR D 6 -0.36 19.49 -17.86
CA THR D 6 -0.03 18.43 -18.78
C THR D 6 -1.26 17.56 -18.99
N PHE D 7 -1.31 16.86 -20.12
CA PHE D 7 -2.34 15.90 -20.44
C PHE D 7 -1.80 14.49 -20.13
N ILE D 8 -2.53 13.73 -19.32
CA ILE D 8 -2.20 12.33 -19.01
C ILE D 8 -3.40 11.48 -19.41
N ALA D 9 -3.17 10.37 -20.19
CA ALA D 9 -4.23 9.46 -20.50
C ALA D 9 -3.82 8.06 -20.06
N ILE D 10 -4.70 7.41 -19.32
CA ILE D 10 -4.51 6.01 -19.02
C ILE D 10 -5.11 5.24 -20.18
N LYS D 11 -4.26 4.49 -20.89
CA LYS D 11 -4.60 3.74 -22.10
C LYS D 11 -5.50 2.56 -21.79
N PRO D 12 -6.07 1.96 -22.84
CA PRO D 12 -7.03 0.90 -22.62
C PRO D 12 -6.56 -0.24 -21.72
N ASP D 13 -5.28 -0.59 -21.87
CA ASP D 13 -4.67 -1.62 -21.06
C ASP D 13 -4.58 -1.26 -19.58
N GLY D 14 -4.36 0.02 -19.29
CA GLY D 14 -4.30 0.52 -17.90
C GLY D 14 -5.66 0.40 -17.22
N VAL D 15 -6.72 0.72 -17.96
CA VAL D 15 -8.06 0.50 -17.48
C VAL D 15 -8.38 -1.02 -17.32
N GLN D 16 -8.11 -1.83 -18.38
CA GLN D 16 -8.46 -3.22 -18.31
C GLN D 16 -7.72 -3.98 -17.16
N ARG D 17 -6.50 -3.50 -16.81
CA ARG D 17 -5.66 -4.17 -15.82
C ARG D 17 -5.84 -3.55 -14.41
N GLY D 18 -6.83 -2.69 -14.26
CA GLY D 18 -7.21 -2.20 -12.94
C GLY D 18 -6.22 -1.24 -12.28
N LEU D 19 -5.59 -0.39 -13.05
CA LEU D 19 -4.55 0.52 -12.59
C LEU D 19 -4.97 1.99 -12.46
N VAL D 20 -6.25 2.29 -12.72
CA VAL D 20 -6.67 3.69 -12.69
C VAL D 20 -6.39 4.36 -11.34
N GLY D 21 -6.82 3.71 -10.28
CA GLY D 21 -6.65 4.28 -8.93
C GLY D 21 -5.17 4.40 -8.55
N GLU D 22 -4.36 3.40 -8.82
CA GLU D 22 -2.94 3.44 -8.56
C GLU D 22 -2.29 4.64 -9.25
N ILE D 23 -2.60 4.85 -10.52
CA ILE D 23 -2.01 5.90 -11.26
C ILE D 23 -2.42 7.25 -10.74
N ILE D 24 -3.71 7.43 -10.49
CA ILE D 24 -4.17 8.75 -9.94
C ILE D 24 -3.50 9.07 -8.63
N LYS D 25 -3.41 8.07 -7.79
CA LYS D 25 -2.76 8.23 -6.47
C LYS D 25 -1.35 8.76 -6.61
N ARG D 26 -0.62 8.28 -7.61
CA ARG D 26 0.75 8.74 -7.77
C ARG D 26 0.85 10.24 -8.04
N PHE D 27 -0.04 10.75 -8.88
CA PHE D 27 -0.11 12.19 -9.14
C PHE D 27 -0.65 12.99 -7.95
N GLU D 28 -1.65 12.50 -7.25
CA GLU D 28 -2.15 13.17 -6.05
C GLU D 28 -1.04 13.30 -5.01
N GLN D 29 -0.36 12.20 -4.70
CA GLN D 29 0.58 12.17 -3.58
C GLN D 29 1.80 13.01 -3.88
N LYS D 30 2.11 13.23 -5.15
CA LYS D 30 3.22 14.11 -5.52
C LYS D 30 2.96 15.58 -5.24
N GLY D 31 1.70 15.98 -5.19
CA GLY D 31 1.34 17.36 -4.97
C GLY D 31 0.70 18.02 -6.16
N PHE D 32 0.53 17.32 -7.30
CA PHE D 32 -0.07 17.95 -8.47
C PHE D 32 -1.60 18.08 -8.25
N ARG D 33 -2.20 19.07 -8.94
CA ARG D 33 -3.63 19.32 -8.84
C ARG D 33 -4.39 18.74 -10.03
N LEU D 34 -5.41 17.96 -9.74
CA LEU D 34 -6.28 17.44 -10.83
C LEU D 34 -7.12 18.57 -11.35
N VAL D 35 -7.01 18.92 -12.61
CA VAL D 35 -7.76 19.98 -13.25
C VAL D 35 -9.00 19.42 -14.00
N ALA D 36 -8.85 18.27 -14.66
CA ALA D 36 -9.93 17.73 -15.51
C ALA D 36 -9.79 16.22 -15.63
N MET D 37 -10.90 15.53 -15.76
CA MET D 37 -10.86 14.09 -15.95
C MET D 37 -12.19 13.64 -16.55
N LYS D 38 -12.07 12.75 -17.54
CA LYS D 38 -13.22 12.04 -18.11
C LYS D 38 -12.80 10.66 -18.65
N PHE D 39 -13.79 9.84 -18.84
CA PHE D 39 -13.65 8.45 -19.23
C PHE D 39 -14.42 8.24 -20.54
N LEU D 40 -13.76 7.73 -21.58
CA LEU D 40 -14.40 7.65 -22.87
C LEU D 40 -13.70 6.64 -23.70
N ARG D 41 -14.43 6.10 -24.71
CA ARG D 41 -13.78 5.41 -25.83
C ARG D 41 -13.53 6.43 -26.91
N ALA D 42 -12.28 6.75 -27.18
CA ALA D 42 -11.95 7.77 -28.20
C ALA D 42 -12.13 7.17 -29.61
N SER D 43 -12.72 7.95 -30.51
CA SER D 43 -12.95 7.43 -31.89
C SER D 43 -11.62 7.38 -32.63
N GLU D 44 -11.57 6.57 -33.70
CA GLU D 44 -10.41 6.52 -34.59
C GLU D 44 -10.08 7.90 -35.13
N GLU D 45 -11.12 8.60 -35.54
CA GLU D 45 -11.01 9.94 -36.09
C GLU D 45 -10.27 10.80 -35.07
N HIS D 46 -10.73 10.78 -33.83
CA HIS D 46 -10.12 11.55 -32.74
C HIS D 46 -8.66 11.19 -32.47
N LEU D 47 -8.37 9.89 -32.46
CA LEU D 47 -7.01 9.40 -32.18
C LEU D 47 -5.99 9.74 -33.30
N LYS D 48 -6.46 9.81 -34.54
CA LYS D 48 -5.59 10.20 -35.65
C LYS D 48 -5.09 11.62 -35.43
N GLN D 49 -5.99 12.49 -34.96
CA GLN D 49 -5.69 13.88 -34.56
C GLN D 49 -4.66 13.93 -33.42
N HIS D 50 -4.88 13.14 -32.38
CA HIS D 50 -3.98 13.11 -31.23
C HIS D 50 -2.54 12.72 -31.60
N TYR D 51 -2.42 11.62 -32.33
CA TYR D 51 -1.11 11.07 -32.72
C TYR D 51 -0.57 11.59 -34.05
N ILE D 52 -0.99 12.80 -34.45
CA ILE D 52 -0.64 13.40 -35.74
C ILE D 52 0.85 13.41 -36.05
N ASP D 53 1.68 13.57 -35.03
CA ASP D 53 3.11 13.64 -35.22
C ASP D 53 3.74 12.29 -35.51
N LEU D 54 3.03 11.20 -35.18
CA LEU D 54 3.51 9.84 -35.46
C LEU D 54 2.86 9.20 -36.71
N LYS D 55 2.15 9.98 -37.52
CA LYS D 55 1.36 9.48 -38.65
C LYS D 55 2.18 8.63 -39.66
N ASP D 56 3.48 8.88 -39.79
CA ASP D 56 4.28 8.08 -40.77
C ASP D 56 5.14 7.00 -40.14
N ARG D 57 5.02 6.83 -38.83
CA ARG D 57 5.72 5.77 -38.14
C ARG D 57 5.08 4.43 -38.53
N PRO D 58 5.91 3.37 -38.67
CA PRO D 58 5.28 2.12 -39.10
C PRO D 58 4.20 1.58 -38.11
N PHE D 59 4.33 1.98 -36.84
CA PHE D 59 3.44 1.49 -35.76
C PHE D 59 2.14 2.28 -35.58
N PHE D 60 1.98 3.33 -36.38
CA PHE D 60 0.84 4.25 -36.26
C PHE D 60 -0.50 3.56 -36.47
N PRO D 61 -0.67 2.81 -37.59
CA PRO D 61 -1.91 2.06 -37.75
C PRO D 61 -2.28 1.20 -36.55
N GLY D 62 -1.36 0.39 -36.07
CA GLY D 62 -1.64 -0.47 -34.91
C GLY D 62 -1.92 0.35 -33.64
N LEU D 63 -1.24 1.48 -33.49
CA LEU D 63 -1.39 2.32 -32.28
C LEU D 63 -2.80 2.86 -32.22
N VAL D 64 -3.26 3.38 -33.35
CA VAL D 64 -4.63 3.86 -33.47
C VAL D 64 -5.72 2.80 -33.15
N LYS D 65 -5.57 1.58 -33.68
CA LYS D 65 -6.49 0.48 -33.31
C LYS D 65 -6.52 0.10 -31.81
N TYR D 66 -5.33 -0.10 -31.25
CA TYR D 66 -5.14 -0.34 -29.80
C TYR D 66 -5.85 0.76 -29.00
N MET D 67 -5.60 2.01 -29.38
CA MET D 67 -6.09 3.11 -28.54
C MET D 67 -7.59 3.25 -28.60
N ASN D 68 -8.23 2.67 -29.61
CA ASN D 68 -9.67 2.63 -29.75
C ASN D 68 -10.30 1.36 -29.21
N SER D 69 -9.47 0.41 -28.74
CA SER D 69 -9.97 -0.95 -28.37
C SER D 69 -10.62 -1.04 -27.02
N GLY D 70 -10.60 0.07 -26.27
CA GLY D 70 -11.30 0.14 -24.99
C GLY D 70 -11.30 1.59 -24.55
N PRO D 71 -12.01 1.89 -23.45
CA PRO D 71 -11.92 3.25 -22.96
C PRO D 71 -10.60 3.65 -22.29
N VAL D 72 -10.40 4.95 -22.31
CA VAL D 72 -9.29 5.58 -21.67
C VAL D 72 -9.83 6.53 -20.60
N VAL D 73 -8.95 6.81 -19.62
CA VAL D 73 -9.19 7.89 -18.65
C VAL D 73 -8.30 9.08 -19.07
N ALA D 74 -8.93 10.18 -19.51
CA ALA D 74 -8.21 11.38 -19.89
C ALA D 74 -8.17 12.34 -18.72
N MET D 75 -7.02 12.97 -18.49
CA MET D 75 -6.81 13.85 -17.35
C MET D 75 -5.94 15.06 -17.71
N VAL D 76 -6.18 16.16 -17.00
CA VAL D 76 -5.28 17.31 -16.95
C VAL D 76 -4.78 17.47 -15.54
N TRP D 77 -3.48 17.61 -15.37
CA TRP D 77 -2.88 17.84 -14.06
C TRP D 77 -2.06 19.15 -14.12
N GLU D 78 -2.01 19.88 -13.01
CA GLU D 78 -1.34 21.16 -12.92
C GLU D 78 -0.25 21.13 -11.89
N GLY D 79 0.86 21.77 -12.19
CA GLY D 79 1.85 22.16 -11.17
C GLY D 79 3.19 22.48 -11.80
N LEU D 80 4.12 22.95 -10.97
CA LEU D 80 5.45 23.34 -11.41
C LEU D 80 6.12 22.19 -12.16
N ASN D 81 6.56 22.45 -13.38
CA ASN D 81 7.21 21.47 -14.27
C ASN D 81 6.43 20.15 -14.42
N VAL D 82 5.12 20.25 -14.35
CA VAL D 82 4.34 19.04 -14.38
C VAL D 82 4.54 18.23 -15.70
N VAL D 83 4.82 18.92 -16.83
CA VAL D 83 5.04 18.16 -18.04
C VAL D 83 6.28 17.24 -17.96
N LYS D 84 7.41 17.82 -17.64
CA LYS D 84 8.68 17.05 -17.55
C LYS D 84 8.61 16.03 -16.41
N THR D 85 8.10 16.47 -15.28
CA THR D 85 8.01 15.64 -14.09
C THR D 85 7.04 14.51 -14.33
N GLY D 86 5.92 14.83 -14.99
CA GLY D 86 4.95 13.77 -15.35
C GLY D 86 5.59 12.67 -16.18
N ARG D 87 6.42 13.07 -17.13
CA ARG D 87 7.08 12.04 -17.96
C ARG D 87 8.07 11.21 -17.10
N VAL D 88 8.82 11.83 -16.21
CA VAL D 88 9.71 11.10 -15.31
C VAL D 88 8.91 10.07 -14.49
N MET D 89 7.77 10.48 -13.98
CA MET D 89 6.89 9.61 -13.19
C MET D 89 6.42 8.42 -13.98
N LEU D 90 6.14 8.68 -15.26
CA LEU D 90 5.61 7.61 -16.12
C LEU D 90 6.69 6.59 -16.51
N GLY D 91 7.89 7.08 -16.69
CA GLY D 91 8.98 6.26 -17.16
C GLY D 91 9.22 6.49 -18.61
N GLU D 92 10.11 5.73 -19.19
CA GLU D 92 10.42 5.82 -20.64
C GLU D 92 9.29 5.21 -21.46
N THR D 93 9.15 5.57 -22.73
CA THR D 93 8.03 5.05 -23.50
C THR D 93 8.13 3.53 -23.69
N ASN D 94 9.33 2.97 -23.81
CA ASN D 94 9.52 1.54 -23.72
C ASN D 94 9.57 1.10 -22.24
N PRO D 95 8.58 0.29 -21.78
CA PRO D 95 8.62 -0.20 -20.39
C PRO D 95 9.92 -0.90 -19.98
N ALA D 96 10.62 -1.50 -20.95
CA ALA D 96 11.83 -2.30 -20.63
C ALA D 96 12.95 -1.37 -20.19
N ASP D 97 12.88 -0.12 -20.60
CA ASP D 97 13.80 0.95 -20.22
C ASP D 97 13.35 1.80 -19.02
N SER D 98 12.14 1.56 -18.55
CA SER D 98 11.56 2.36 -17.49
C SER D 98 12.02 1.77 -16.16
N LYS D 99 12.38 2.66 -15.23
CA LYS D 99 12.97 2.21 -13.97
C LYS D 99 11.89 1.76 -12.99
N PRO D 100 12.22 0.83 -12.10
CA PRO D 100 11.33 0.50 -11.02
C PRO D 100 11.05 1.81 -10.23
N GLY D 101 9.80 1.98 -9.79
CA GLY D 101 9.33 3.18 -9.14
C GLY D 101 8.53 4.07 -10.06
N THR D 102 8.74 3.93 -11.36
CA THR D 102 7.93 4.60 -12.32
C THR D 102 6.66 3.83 -12.65
N ILE D 103 5.67 4.47 -13.24
CA ILE D 103 4.42 3.78 -13.56
C ILE D 103 4.63 2.65 -14.58
N ARG D 104 5.28 2.96 -15.68
CA ARG D 104 5.61 1.93 -16.63
C ARG D 104 6.56 0.87 -16.08
N GLY D 105 7.58 1.29 -15.36
CA GLY D 105 8.52 0.35 -14.73
C GLY D 105 7.89 -0.63 -13.80
N ASP D 106 6.92 -0.19 -13.02
CA ASP D 106 6.27 -1.04 -12.08
C ASP D 106 5.20 -1.95 -12.70
N PHE D 107 4.54 -1.47 -13.76
CA PHE D 107 3.27 -2.07 -14.14
C PHE D 107 3.12 -2.60 -15.54
N CYS D 108 4.10 -2.47 -16.43
CA CYS D 108 3.91 -3.06 -17.72
C CYS D 108 5.23 -3.46 -18.38
N ILE D 109 5.14 -4.09 -19.57
CA ILE D 109 6.25 -4.85 -20.13
C ILE D 109 6.62 -4.41 -21.55
N GLN D 110 5.63 -4.19 -22.39
CA GLN D 110 5.85 -4.03 -23.82
C GLN D 110 5.38 -2.68 -24.35
N VAL D 111 6.12 -2.10 -25.30
CA VAL D 111 5.84 -0.75 -25.77
C VAL D 111 4.42 -0.56 -26.31
N GLY D 112 3.92 -1.55 -27.02
CA GLY D 112 2.57 -1.52 -27.52
C GLY D 112 1.44 -1.64 -26.53
N ARG D 113 1.78 -1.91 -25.26
CA ARG D 113 0.86 -2.07 -24.16
C ARG D 113 1.51 -1.35 -22.97
N ASN D 114 1.70 -0.02 -23.10
CA ASN D 114 2.49 0.75 -22.17
C ASN D 114 1.63 1.66 -21.27
N ILE D 115 0.38 1.27 -21.07
CA ILE D 115 -0.58 1.72 -20.06
C ILE D 115 -0.95 3.22 -19.96
N ILE D 116 -0.08 4.11 -20.41
CA ILE D 116 -0.27 5.54 -20.10
C ILE D 116 0.44 6.37 -21.11
N HIS D 117 -0.09 7.56 -21.35
CA HIS D 117 0.52 8.63 -22.11
C HIS D 117 0.66 9.89 -21.27
N GLY D 118 1.74 10.62 -21.45
CA GLY D 118 1.85 12.00 -20.95
C GLY D 118 2.37 12.93 -22.04
N SER D 119 1.96 14.19 -22.04
CA SER D 119 2.47 15.15 -23.00
C SER D 119 3.96 15.26 -22.95
N ASP D 120 4.57 15.42 -24.14
CA ASP D 120 6.03 15.53 -24.17
C ASP D 120 6.61 16.94 -24.03
N SER D 121 5.81 17.99 -24.20
CA SER D 121 6.29 19.38 -24.03
C SER D 121 5.11 20.22 -23.62
N VAL D 122 5.36 21.43 -23.19
CA VAL D 122 4.29 22.36 -22.83
C VAL D 122 3.43 22.66 -24.03
N LYS D 123 4.06 22.86 -25.21
CA LYS D 123 3.28 23.12 -26.41
C LYS D 123 2.38 21.95 -26.80
N SER D 124 2.91 20.74 -26.77
CA SER D 124 2.06 19.64 -27.07
C SER D 124 0.95 19.41 -25.99
N ALA D 125 1.30 19.69 -24.72
CA ALA D 125 0.30 19.59 -23.66
C ALA D 125 -0.90 20.52 -23.94
N GLU D 126 -0.63 21.77 -24.35
CA GLU D 126 -1.70 22.68 -24.62
C GLU D 126 -2.56 22.21 -25.77
N LYS D 127 -1.91 21.64 -26.82
CA LYS D 127 -2.68 21.06 -27.92
C LYS D 127 -3.55 19.88 -27.51
N GLU D 128 -2.94 19.01 -26.70
CA GLU D 128 -3.62 17.79 -26.28
C GLU D 128 -4.84 18.15 -25.36
N ILE D 129 -4.64 19.11 -24.46
CA ILE D 129 -5.71 19.52 -23.53
C ILE D 129 -6.90 20.06 -24.32
N SER D 130 -6.60 20.91 -25.31
CA SER D 130 -7.62 21.49 -26.21
C SER D 130 -8.34 20.43 -26.98
N LEU D 131 -7.61 19.44 -27.49
CA LEU D 131 -8.24 18.37 -28.26
C LEU D 131 -9.20 17.52 -27.42
N TRP D 132 -8.77 17.17 -26.21
CA TRP D 132 -9.51 16.21 -25.42
C TRP D 132 -10.60 16.81 -24.51
N PHE D 133 -10.43 18.08 -24.18
CA PHE D 133 -11.33 18.73 -23.26
C PHE D 133 -11.90 20.04 -23.80
N LYS D 134 -13.13 20.29 -23.40
CA LYS D 134 -13.76 21.62 -23.58
C LYS D 134 -13.23 22.52 -22.50
N PRO D 135 -13.09 23.82 -22.77
CA PRO D 135 -12.55 24.70 -21.73
C PRO D 135 -13.38 24.64 -20.43
N GLU D 136 -14.69 24.43 -20.53
CA GLU D 136 -15.55 24.41 -19.36
C GLU D 136 -15.31 23.16 -18.50
N GLU D 137 -14.62 22.15 -19.06
CA GLU D 137 -14.28 20.91 -18.30
C GLU D 137 -12.99 21.05 -17.49
N LEU D 138 -12.33 22.22 -17.57
CA LEU D 138 -11.11 22.52 -16.79
C LEU D 138 -11.56 23.22 -15.51
N VAL D 139 -11.38 22.56 -14.36
CA VAL D 139 -11.92 23.08 -13.12
C VAL D 139 -10.89 23.86 -12.35
N ASP D 140 -11.24 25.08 -11.91
CA ASP D 140 -10.42 25.93 -11.10
C ASP D 140 -10.76 25.79 -9.64
N TYR D 141 -9.82 25.36 -8.83
CA TYR D 141 -9.95 25.35 -7.36
C TYR D 141 -8.54 25.38 -6.82
N LYS D 142 -8.43 25.68 -5.55
CA LYS D 142 -7.16 25.73 -4.88
C LYS D 142 -7.02 24.60 -3.88
N SER D 143 -5.90 23.91 -3.99
CA SER D 143 -5.54 22.82 -3.10
CA SER D 143 -5.62 22.82 -3.01
C SER D 143 -5.36 23.35 -1.64
N CYS D 144 -5.99 22.68 -0.64
CA CYS D 144 -5.79 23.09 0.76
C CYS D 144 -4.33 23.00 1.19
N ALA D 145 -3.53 22.16 0.53
CA ALA D 145 -2.11 21.99 0.86
C ALA D 145 -1.17 22.83 0.02
N HIS D 146 -1.75 23.74 -0.80
CA HIS D 146 -0.94 24.49 -1.71
C HIS D 146 0.28 25.16 -1.07
N ASP D 147 0.06 25.86 0.06
CA ASP D 147 1.15 26.57 0.69
C ASP D 147 2.17 25.69 1.40
N TRP D 148 1.91 24.39 1.45
CA TRP D 148 2.88 23.45 1.96
C TRP D 148 3.56 22.68 0.81
N VAL D 149 3.00 22.73 -0.40
CA VAL D 149 3.69 22.24 -1.61
C VAL D 149 4.59 23.29 -2.27
N TYR D 150 4.18 24.55 -2.15
CA TYR D 150 4.90 25.66 -2.80
C TYR D 150 5.28 26.75 -1.83
N GLU D 151 6.51 27.26 -1.98
CA GLU D 151 6.99 28.42 -1.23
C GLU D 151 6.40 29.67 -1.80
N GLU E 4 26.70 2.92 12.12
CA GLU E 4 26.54 4.35 11.99
C GLU E 4 25.13 4.88 12.37
N ARG E 5 25.03 6.16 12.71
CA ARG E 5 23.75 6.85 12.92
C ARG E 5 23.62 8.11 12.09
N THR E 6 22.36 8.38 11.70
CA THR E 6 22.04 9.60 11.01
C THR E 6 20.84 10.29 11.66
N PHE E 7 20.78 11.61 11.39
CA PHE E 7 19.67 12.46 11.82
C PHE E 7 18.72 12.64 10.62
N ILE E 8 17.45 12.30 10.80
CA ILE E 8 16.42 12.54 9.80
C ILE E 8 15.33 13.43 10.46
N ALA E 9 14.95 14.51 9.76
CA ALA E 9 13.85 15.31 10.26
C ALA E 9 12.80 15.41 9.16
N ILE E 10 11.57 15.16 9.52
CA ILE E 10 10.41 15.44 8.65
C ILE E 10 10.05 16.92 8.90
N LYS E 11 10.12 17.71 7.83
CA LYS E 11 9.97 19.14 7.86
C LYS E 11 8.49 19.49 8.00
N PRO E 12 8.17 20.76 8.27
CA PRO E 12 6.76 21.09 8.58
C PRO E 12 5.76 20.69 7.49
N ASP E 13 6.22 20.79 6.23
CA ASP E 13 5.40 20.44 5.12
C ASP E 13 5.15 18.92 5.06
N GLY E 14 6.11 18.11 5.48
CA GLY E 14 5.90 16.68 5.50
C GLY E 14 4.88 16.25 6.55
N VAL E 15 4.88 16.92 7.70
CA VAL E 15 3.90 16.71 8.76
C VAL E 15 2.53 17.17 8.25
N GLN E 16 2.48 18.38 7.71
CA GLN E 16 1.22 18.96 7.26
C GLN E 16 0.53 18.14 6.19
N ARG E 17 1.34 17.56 5.32
CA ARG E 17 0.81 16.76 4.20
C ARG E 17 0.58 15.31 4.56
N GLY E 18 0.73 14.91 5.83
CA GLY E 18 0.29 13.62 6.26
C GLY E 18 1.23 12.51 5.89
N LEU E 19 2.53 12.78 5.89
CA LEU E 19 3.54 11.85 5.35
C LEU E 19 4.41 11.21 6.43
N VAL E 20 4.07 11.43 7.71
CA VAL E 20 4.94 10.94 8.78
C VAL E 20 5.00 9.40 8.70
N GLY E 21 3.86 8.73 8.71
CA GLY E 21 3.87 7.28 8.68
C GLY E 21 4.56 6.70 7.46
N GLU E 22 4.25 7.28 6.31
CA GLU E 22 4.89 6.80 5.08
C GLU E 22 6.35 6.83 5.17
N ILE E 23 6.88 7.91 5.64
CA ILE E 23 8.32 8.10 5.72
C ILE E 23 8.97 7.13 6.69
N ILE E 24 8.39 6.99 7.90
CA ILE E 24 8.91 6.06 8.90
C ILE E 24 8.92 4.65 8.34
N LYS E 25 7.83 4.26 7.68
CA LYS E 25 7.73 2.90 7.11
C LYS E 25 8.90 2.65 6.14
N ARG E 26 9.28 3.63 5.34
CA ARG E 26 10.37 3.43 4.42
C ARG E 26 11.67 3.07 5.12
N PHE E 27 11.97 3.75 6.22
CA PHE E 27 13.19 3.42 6.99
C PHE E 27 13.06 2.04 7.67
N GLU E 28 11.92 1.78 8.28
CA GLU E 28 11.71 0.47 8.95
C GLU E 28 11.85 -0.68 7.96
N GLN E 29 11.23 -0.56 6.79
CA GLN E 29 11.19 -1.70 5.88
C GLN E 29 12.55 -1.96 5.26
N LYS E 30 13.39 -0.94 5.20
CA LYS E 30 14.75 -1.05 4.67
C LYS E 30 15.62 -1.92 5.57
N GLY E 31 15.32 -1.91 6.88
CA GLY E 31 16.10 -2.62 7.88
C GLY E 31 16.82 -1.75 8.88
N PHE E 32 16.69 -0.45 8.76
CA PHE E 32 17.32 0.46 9.74
C PHE E 32 16.60 0.43 11.08
N ARG E 33 17.38 0.75 12.13
CA ARG E 33 16.78 0.71 13.48
C ARG E 33 16.53 2.16 13.98
N LEU E 34 15.32 2.40 14.44
CA LEU E 34 14.96 3.70 15.04
C LEU E 34 15.61 3.77 16.42
N VAL E 35 16.47 4.79 16.57
CA VAL E 35 17.15 5.04 17.83
C VAL E 35 16.49 6.13 18.68
N ALA E 36 15.90 7.14 18.01
CA ALA E 36 15.34 8.28 18.82
C ALA E 36 14.27 8.95 17.96
N MET E 37 13.24 9.49 18.61
CA MET E 37 12.22 10.20 17.87
C MET E 37 11.49 11.16 18.80
N LYS E 38 11.24 12.40 18.34
CA LYS E 38 10.40 13.34 19.13
C LYS E 38 9.70 14.24 18.11
N PHE E 39 8.63 14.85 18.52
CA PHE E 39 7.81 15.76 17.72
C PHE E 39 7.82 17.11 18.43
N LEU E 40 8.08 18.16 17.70
CA LEU E 40 8.23 19.49 18.37
C LEU E 40 8.11 20.60 17.32
N ARG E 41 7.67 21.80 17.76
CA ARG E 41 7.97 23.02 17.04
C ARG E 41 9.36 23.44 17.49
N ALA E 42 10.31 23.35 16.64
CA ALA E 42 11.67 23.76 16.95
C ALA E 42 11.68 25.29 17.07
N SER E 43 12.27 25.80 18.14
CA SER E 43 12.34 27.22 18.35
C SER E 43 13.25 27.91 17.34
N GLU E 44 13.07 29.21 17.18
CA GLU E 44 13.89 29.95 16.28
C GLU E 44 15.35 29.85 16.70
N GLU E 45 15.65 29.92 17.99
CA GLU E 45 17.06 29.78 18.41
C GLU E 45 17.64 28.40 18.14
N HIS E 46 16.80 27.40 18.34
CA HIS E 46 17.23 26.04 18.02
C HIS E 46 17.56 25.84 16.53
N LEU E 47 16.69 26.40 15.70
CA LEU E 47 16.88 26.36 14.25
C LEU E 47 18.07 27.22 13.78
N LYS E 48 18.29 28.36 14.43
CA LYS E 48 19.49 29.16 14.14
C LYS E 48 20.75 28.38 14.40
N GLN E 49 20.75 27.56 15.44
CA GLN E 49 21.91 26.73 15.72
C GLN E 49 22.04 25.62 14.69
N HIS E 50 20.91 24.97 14.36
CA HIS E 50 20.91 23.92 13.35
C HIS E 50 21.47 24.44 12.00
N TYR E 51 21.05 25.65 11.63
CA TYR E 51 21.51 26.31 10.41
C TYR E 51 22.57 27.41 10.57
N ILE E 52 23.37 27.33 11.62
CA ILE E 52 24.33 28.40 12.04
C ILE E 52 25.30 28.73 10.86
N ASP E 53 25.69 27.73 10.11
CA ASP E 53 26.55 27.98 8.93
C ASP E 53 25.98 28.98 7.88
N LEU E 54 24.66 29.19 7.88
CA LEU E 54 23.94 30.00 6.91
C LEU E 54 23.47 31.32 7.52
N LYS E 55 23.93 31.60 8.75
CA LYS E 55 23.32 32.74 9.50
C LYS E 55 23.48 34.09 8.84
N ASP E 56 24.52 34.25 8.04
CA ASP E 56 24.79 35.55 7.38
C ASP E 56 24.25 35.62 5.95
N ARG E 57 23.49 34.61 5.53
CA ARG E 57 22.95 34.61 4.17
C ARG E 57 21.56 35.26 4.16
N PRO E 58 21.17 35.81 2.99
CA PRO E 58 19.99 36.64 2.95
C PRO E 58 18.71 35.83 3.09
N PHE E 59 18.79 34.55 2.74
CA PHE E 59 17.63 33.62 2.83
C PHE E 59 17.42 33.02 4.23
N PHE E 60 18.32 33.33 5.17
CA PHE E 60 18.35 32.68 6.48
C PHE E 60 17.11 33.01 7.29
N PRO E 61 16.71 34.28 7.43
CA PRO E 61 15.46 34.55 8.17
C PRO E 61 14.20 33.83 7.66
N GLY E 62 14.04 33.78 6.33
CA GLY E 62 12.93 33.08 5.71
C GLY E 62 12.98 31.59 6.00
N LEU E 63 14.18 31.03 5.97
CA LEU E 63 14.38 29.60 6.22
C LEU E 63 14.01 29.22 7.64
N VAL E 64 14.53 30.00 8.61
CA VAL E 64 14.21 29.78 10.01
C VAL E 64 12.70 29.94 10.21
N LYS E 65 12.11 30.97 9.61
CA LYS E 65 10.67 31.22 9.73
C LYS E 65 9.86 30.01 9.25
N TYR E 66 10.19 29.45 8.06
N TYR E 66 10.19 29.56 8.09
CA TYR E 66 9.54 28.20 7.46
CA TYR E 66 9.48 28.46 7.56
C TYR E 66 9.72 26.97 8.33
C TYR E 66 9.67 27.20 8.46
N MET E 67 10.92 26.83 8.85
CA MET E 67 11.17 25.66 9.66
C MET E 67 10.52 25.72 11.03
N ASN E 68 10.18 26.95 11.44
CA ASN E 68 9.42 27.17 12.65
C ASN E 68 7.93 27.27 12.46
N SER E 69 7.44 27.12 11.21
CA SER E 69 6.06 27.40 10.90
C SER E 69 5.11 26.24 11.17
N GLY E 70 5.66 25.11 11.60
CA GLY E 70 4.88 23.99 12.03
C GLY E 70 5.84 23.05 12.74
N PRO E 71 5.30 22.01 13.38
CA PRO E 71 6.12 20.99 14.01
C PRO E 71 6.86 20.13 13.01
N VAL E 72 7.95 19.59 13.49
CA VAL E 72 8.77 18.62 12.75
C VAL E 72 8.84 17.31 13.57
N VAL E 73 9.12 16.21 12.87
CA VAL E 73 9.49 14.96 13.51
C VAL E 73 10.99 14.80 13.40
N ALA E 74 11.67 14.75 14.54
CA ALA E 74 13.13 14.58 14.58
C ALA E 74 13.40 13.10 14.93
N MET E 75 14.33 12.51 14.21
CA MET E 75 14.65 11.05 14.36
C MET E 75 16.12 10.78 14.25
N VAL E 76 16.56 9.73 14.94
CA VAL E 76 17.84 9.18 14.73
C VAL E 76 17.63 7.72 14.27
N TRP E 77 18.30 7.29 13.18
CA TRP E 77 18.24 5.95 12.62
C TRP E 77 19.67 5.40 12.60
N GLU E 78 19.80 4.10 12.84
CA GLU E 78 21.12 3.37 12.82
C GLU E 78 21.15 2.31 11.77
N GLY E 79 22.29 2.15 11.16
CA GLY E 79 22.57 0.99 10.34
C GLY E 79 23.82 1.23 9.52
N LEU E 80 24.22 0.19 8.79
CA LEU E 80 25.39 0.28 7.93
C LEU E 80 25.22 1.36 6.85
N ASN E 81 26.15 2.33 6.79
CA ASN E 81 26.18 3.48 5.92
CA ASN E 81 26.14 3.37 5.80
C ASN E 81 24.82 4.16 5.86
N VAL E 82 24.20 4.29 7.01
CA VAL E 82 22.84 4.91 7.04
C VAL E 82 22.89 6.39 6.62
N VAL E 83 24.01 7.10 6.84
CA VAL E 83 24.09 8.47 6.42
C VAL E 83 23.90 8.59 4.91
N LYS E 84 24.77 7.91 4.18
CA LYS E 84 24.71 7.91 2.72
C LYS E 84 23.37 7.33 2.21
N THR E 85 22.98 6.17 2.77
CA THR E 85 21.84 5.48 2.22
C THR E 85 20.55 6.23 2.54
N GLY E 86 20.51 6.86 3.72
CA GLY E 86 19.37 7.71 4.07
C GLY E 86 19.21 8.82 3.04
N ARG E 87 20.33 9.38 2.58
CA ARG E 87 20.28 10.46 1.58
C ARG E 87 19.78 9.88 0.22
N VAL E 88 20.22 8.68 -0.13
CA VAL E 88 19.76 8.05 -1.38
C VAL E 88 18.25 7.76 -1.33
N MET E 89 17.74 7.38 -0.14
CA MET E 89 16.31 7.12 0.04
C MET E 89 15.48 8.39 -0.03
N LEU E 90 16.04 9.51 0.41
CA LEU E 90 15.31 10.79 0.37
C LEU E 90 15.24 11.37 -1.02
N GLY E 91 16.30 11.14 -1.80
CA GLY E 91 16.42 11.65 -3.14
C GLY E 91 17.20 12.92 -3.10
N GLU E 92 17.33 13.59 -4.20
CA GLU E 92 18.17 14.81 -4.33
C GLU E 92 17.57 16.01 -3.66
N THR E 93 18.34 17.05 -3.43
CA THR E 93 17.80 18.03 -2.56
C THR E 93 16.72 18.84 -3.32
N ASN E 94 16.82 19.01 -4.65
CA ASN E 94 15.70 19.50 -5.46
C ASN E 94 14.79 18.31 -5.76
N PRO E 95 13.51 18.38 -5.35
CA PRO E 95 12.61 17.27 -5.75
C PRO E 95 12.55 17.07 -7.26
N ALA E 96 12.79 18.14 -8.03
CA ALA E 96 12.79 18.03 -9.52
C ALA E 96 13.73 16.94 -10.05
N ASP E 97 14.84 16.74 -9.35
CA ASP E 97 15.95 15.86 -9.72
C ASP E 97 15.88 14.51 -8.99
N SER E 98 14.91 14.39 -8.09
CA SER E 98 14.72 13.21 -7.29
C SER E 98 13.94 12.21 -8.11
N LYS E 99 14.42 10.97 -8.11
CA LYS E 99 13.77 9.94 -8.92
C LYS E 99 12.54 9.34 -8.27
N PRO E 100 11.58 8.87 -9.06
CA PRO E 100 10.48 8.06 -8.53
C PRO E 100 11.05 6.89 -7.72
N GLY E 101 10.44 6.63 -6.58
CA GLY E 101 10.89 5.66 -5.61
C GLY E 101 11.54 6.26 -4.39
N THR E 102 12.08 7.46 -4.57
CA THR E 102 12.63 8.22 -3.42
C THR E 102 11.49 8.98 -2.72
N ILE E 103 11.75 9.42 -1.50
CA ILE E 103 10.77 10.17 -0.75
C ILE E 103 10.42 11.48 -1.43
N ARG E 104 11.44 12.25 -1.80
CA ARG E 104 11.16 13.51 -2.48
C ARG E 104 10.61 13.28 -3.86
N GLY E 105 11.08 12.25 -4.57
CA GLY E 105 10.61 11.99 -5.89
C GLY E 105 9.16 11.59 -5.90
N ASP E 106 8.72 10.83 -4.92
CA ASP E 106 7.35 10.44 -4.84
C ASP E 106 6.39 11.51 -4.31
N PHE E 107 6.87 12.38 -3.42
CA PHE E 107 5.92 13.11 -2.61
C PHE E 107 6.00 14.59 -2.62
N CYS E 108 6.91 15.21 -3.36
CA CYS E 108 6.93 16.69 -3.35
C CYS E 108 7.56 17.24 -4.66
N ILE E 109 7.49 18.55 -4.81
CA ILE E 109 7.72 19.23 -6.08
C ILE E 109 8.78 20.34 -6.09
N GLN E 110 8.80 21.18 -5.06
CA GLN E 110 9.60 22.40 -5.05
C GLN E 110 10.70 22.33 -3.99
N VAL E 111 11.89 22.83 -4.32
CA VAL E 111 13.02 22.73 -3.37
C VAL E 111 12.78 23.35 -2.01
N GLY E 112 12.02 24.45 -1.95
CA GLY E 112 11.70 25.07 -0.68
C GLY E 112 10.64 24.39 0.16
N ARG E 113 10.05 23.31 -0.36
CA ARG E 113 9.05 22.52 0.32
C ARG E 113 9.39 21.04 0.03
N ASN E 114 10.55 20.59 0.54
CA ASN E 114 11.12 19.34 0.20
C ASN E 114 11.09 18.27 1.28
N ILE E 115 10.09 18.40 2.18
CA ILE E 115 9.52 17.47 3.14
C ILE E 115 10.44 16.85 4.22
N ILE E 116 11.75 16.77 3.99
CA ILE E 116 12.60 15.98 4.87
C ILE E 116 14.03 16.48 4.75
N HIS E 117 14.80 16.26 5.80
CA HIS E 117 16.23 16.38 5.82
C HIS E 117 16.90 15.13 6.33
N GLY E 118 18.06 14.79 5.74
CA GLY E 118 18.95 13.84 6.33
C GLY E 118 20.34 14.44 6.43
N SER E 119 21.08 14.02 7.46
CA SER E 119 22.44 14.46 7.62
C SER E 119 23.26 14.20 6.34
N ASP E 120 24.11 15.16 5.99
CA ASP E 120 24.93 15.07 4.76
C ASP E 120 26.25 14.31 4.95
N SER E 121 26.66 14.10 6.19
CA SER E 121 27.95 13.49 6.55
C SER E 121 27.85 12.87 7.92
N VAL E 122 28.79 11.95 8.26
CA VAL E 122 28.87 11.41 9.61
C VAL E 122 29.12 12.57 10.62
N LYS E 123 30.00 13.53 10.30
CA LYS E 123 30.26 14.63 11.26
C LYS E 123 29.00 15.47 11.44
N SER E 124 28.30 15.79 10.33
CA SER E 124 27.04 16.53 10.45
C SER E 124 26.02 15.76 11.30
N ALA E 125 25.94 14.44 11.08
CA ALA E 125 25.03 13.60 11.83
C ALA E 125 25.34 13.73 13.32
N GLU E 126 26.61 13.58 13.69
CA GLU E 126 26.93 13.71 15.12
C GLU E 126 26.57 15.05 15.78
N LYS E 127 26.78 16.12 15.05
CA LYS E 127 26.43 17.47 15.49
C LYS E 127 24.93 17.61 15.64
N GLU E 128 24.19 17.11 14.62
CA GLU E 128 22.72 17.20 14.62
C GLU E 128 22.14 16.36 15.72
N ILE E 129 22.64 15.13 15.93
CA ILE E 129 22.11 14.28 16.96
C ILE E 129 22.33 15.00 18.30
N SER E 130 23.54 15.53 18.53
CA SER E 130 23.82 16.17 19.81
C SER E 130 22.99 17.44 20.05
N LEU E 131 22.66 18.15 18.97
CA LEU E 131 21.84 19.35 19.10
C LEU E 131 20.38 19.04 19.38
N TRP E 132 19.85 18.03 18.66
CA TRP E 132 18.41 17.77 18.76
C TRP E 132 17.95 16.77 19.81
N PHE E 133 18.85 15.91 20.33
CA PHE E 133 18.51 14.96 21.32
C PHE E 133 19.44 15.03 22.56
N LYS E 134 18.88 14.73 23.71
CA LYS E 134 19.65 14.40 24.90
C LYS E 134 20.22 12.97 24.79
N PRO E 135 21.37 12.70 25.40
CA PRO E 135 21.92 11.32 25.27
C PRO E 135 20.94 10.24 25.73
N GLU E 136 20.19 10.50 26.77
CA GLU E 136 19.21 9.58 27.34
C GLU E 136 18.07 9.29 26.39
N GLU E 137 17.86 10.13 25.38
CA GLU E 137 16.79 9.93 24.36
C GLU E 137 17.21 8.98 23.24
N LEU E 138 18.46 8.56 23.23
CA LEU E 138 18.97 7.61 22.22
C LEU E 138 18.83 6.24 22.86
N VAL E 139 17.91 5.42 22.36
CA VAL E 139 17.53 4.16 22.96
C VAL E 139 18.30 3.01 22.35
N ASP E 140 18.92 2.21 23.21
CA ASP E 140 19.69 1.07 22.80
C ASP E 140 18.80 -0.22 22.95
N TYR E 141 18.58 -0.94 21.85
CA TYR E 141 17.87 -2.21 21.83
C TYR E 141 18.36 -2.88 20.57
N LYS E 142 18.09 -4.17 20.49
CA LYS E 142 18.49 -4.98 19.34
C LYS E 142 17.24 -5.40 18.58
N SER E 143 17.25 -5.09 17.29
CA SER E 143 16.17 -5.45 16.41
CA SER E 143 16.11 -5.51 16.44
C SER E 143 16.07 -7.00 16.34
N CYS E 144 14.86 -7.52 16.48
CA CYS E 144 14.65 -8.98 16.36
C CYS E 144 15.13 -9.55 15.03
N ALA E 145 15.13 -8.73 13.98
CA ALA E 145 15.56 -9.21 12.68
C ALA E 145 17.04 -8.95 12.37
N HIS E 146 17.81 -8.49 13.39
CA HIS E 146 19.14 -8.07 13.13
C HIS E 146 19.97 -9.10 12.36
N ASP E 147 19.89 -10.36 12.74
CA ASP E 147 20.74 -11.40 12.12
C ASP E 147 20.27 -11.81 10.72
N TRP E 148 19.13 -11.26 10.29
CA TRP E 148 18.62 -11.44 8.96
C TRP E 148 18.87 -10.23 8.10
N VAL E 149 19.24 -9.07 8.71
CA VAL E 149 19.66 -7.90 7.98
C VAL E 149 21.19 -7.82 7.80
N TYR E 150 21.95 -8.35 8.77
CA TYR E 150 23.38 -8.32 8.75
C TYR E 150 23.94 -9.73 8.95
N GLU E 151 24.99 -10.00 8.18
CA GLU E 151 25.77 -11.22 8.42
C GLU E 151 26.68 -11.11 9.64
N ALA F 1 3.32 -20.29 -28.57
CA ALA F 1 4.59 -19.69 -28.08
C ALA F 1 4.76 -20.00 -26.59
N ASN F 2 6.01 -19.95 -26.15
CA ASN F 2 6.37 -19.94 -24.74
C ASN F 2 7.38 -18.81 -24.59
N LEU F 3 7.07 -17.87 -23.73
CA LEU F 3 7.96 -16.75 -23.60
C LEU F 3 9.16 -17.23 -22.71
N GLU F 4 10.11 -16.34 -22.63
CA GLU F 4 11.27 -16.51 -21.74
C GLU F 4 10.87 -16.74 -20.29
N ARG F 5 11.68 -17.49 -19.56
CA ARG F 5 11.47 -17.75 -18.12
C ARG F 5 12.73 -17.40 -17.33
N THR F 6 12.53 -17.02 -16.08
CA THR F 6 13.64 -16.81 -15.14
C THR F 6 13.34 -17.51 -13.80
N PHE F 7 14.42 -17.84 -13.08
CA PHE F 7 14.33 -18.44 -11.77
C PHE F 7 14.56 -17.26 -10.75
N ILE F 8 13.63 -17.14 -9.82
CA ILE F 8 13.72 -16.18 -8.71
C ILE F 8 13.58 -16.94 -7.43
N ALA F 9 14.49 -16.74 -6.45
CA ALA F 9 14.38 -17.38 -5.16
C ALA F 9 14.38 -16.27 -4.11
N ILE F 10 13.41 -16.31 -3.23
CA ILE F 10 13.41 -15.45 -2.03
C ILE F 10 14.28 -16.17 -0.96
N LYS F 11 15.39 -15.51 -0.59
CA LYS F 11 16.38 -16.07 0.31
C LYS F 11 15.81 -16.16 1.76
N PRO F 12 16.51 -16.85 2.66
CA PRO F 12 15.93 -17.09 4.00
C PRO F 12 15.62 -15.77 4.75
N ASP F 13 16.43 -14.70 4.52
CA ASP F 13 16.15 -13.39 5.12
C ASP F 13 14.88 -12.78 4.58
N GLY F 14 14.54 -12.99 3.29
CA GLY F 14 13.30 -12.49 2.71
C GLY F 14 12.10 -13.10 3.37
N VAL F 15 12.20 -14.42 3.61
CA VAL F 15 11.15 -15.11 4.30
C VAL F 15 11.02 -14.67 5.78
N GLN F 16 12.14 -14.62 6.46
CA GLN F 16 12.14 -14.25 7.88
C GLN F 16 11.65 -12.85 8.14
N ARG F 17 11.89 -11.96 7.18
CA ARG F 17 11.48 -10.55 7.36
C ARG F 17 10.11 -10.26 6.75
N GLY F 18 9.37 -11.31 6.36
CA GLY F 18 7.99 -11.11 5.99
C GLY F 18 7.74 -10.41 4.66
N LEU F 19 8.58 -10.71 3.70
CA LEU F 19 8.60 -10.01 2.41
C LEU F 19 8.10 -10.87 1.25
N VAL F 20 7.61 -12.08 1.54
CA VAL F 20 7.23 -13.00 0.45
C VAL F 20 6.10 -12.40 -0.39
N GLY F 21 5.07 -11.90 0.28
CA GLY F 21 3.93 -11.37 -0.46
C GLY F 21 4.24 -10.10 -1.21
N GLU F 22 4.98 -9.19 -0.57
CA GLU F 22 5.46 -7.97 -1.22
C GLU F 22 6.22 -8.30 -2.52
N ILE F 23 7.14 -9.22 -2.44
CA ILE F 23 7.91 -9.59 -3.62
C ILE F 23 7.06 -10.19 -4.75
N ILE F 24 6.21 -11.17 -4.40
CA ILE F 24 5.35 -11.79 -5.41
C ILE F 24 4.43 -10.75 -6.09
N LYS F 25 3.89 -9.84 -5.28
CA LYS F 25 3.02 -8.77 -5.81
C LYS F 25 3.78 -7.91 -6.82
N ARG F 26 5.07 -7.66 -6.64
CA ARG F 26 5.74 -6.83 -7.60
C ARG F 26 5.86 -7.54 -8.95
N PHE F 27 6.06 -8.85 -8.96
CA PHE F 27 6.13 -9.56 -10.24
C PHE F 27 4.72 -9.72 -10.86
N GLU F 28 3.70 -9.94 -10.04
CA GLU F 28 2.35 -10.03 -10.57
C GLU F 28 1.93 -8.71 -11.22
N GLN F 29 2.19 -7.60 -10.54
CA GLN F 29 1.67 -6.35 -11.01
C GLN F 29 2.39 -5.84 -12.25
N LYS F 30 3.61 -6.31 -12.48
CA LYS F 30 4.37 -6.02 -13.67
C LYS F 30 3.74 -6.62 -14.91
N GLY F 31 3.03 -7.74 -14.70
CA GLY F 31 2.46 -8.50 -15.77
C GLY F 31 3.16 -9.81 -16.12
N PHE F 32 4.13 -10.23 -15.32
CA PHE F 32 4.76 -11.54 -15.52
C PHE F 32 3.82 -12.66 -15.02
N ARG F 33 3.96 -13.86 -15.61
CA ARG F 33 3.16 -15.00 -15.21
C ARG F 33 3.95 -15.94 -14.30
N LEU F 34 3.34 -16.26 -13.19
CA LEU F 34 3.93 -17.25 -12.28
C LEU F 34 3.81 -18.63 -12.92
N VAL F 35 4.92 -19.35 -13.13
CA VAL F 35 4.91 -20.69 -13.71
C VAL F 35 5.11 -21.81 -12.68
N ALA F 36 5.91 -21.56 -11.65
CA ALA F 36 6.24 -22.62 -10.67
C ALA F 36 6.56 -21.98 -9.35
N MET F 37 6.29 -22.68 -8.26
CA MET F 37 6.63 -22.09 -6.91
C MET F 37 6.62 -23.21 -5.90
N LYS F 38 7.67 -23.26 -5.09
CA LYS F 38 7.68 -24.13 -3.93
C LYS F 38 8.48 -23.51 -2.82
N PHE F 39 8.38 -24.08 -1.64
CA PHE F 39 8.93 -23.53 -0.38
C PHE F 39 9.70 -24.68 0.26
N LEU F 40 10.98 -24.51 0.54
CA LEU F 40 11.83 -25.62 1.01
C LEU F 40 13.08 -25.09 1.64
N ARG F 41 13.70 -25.91 2.49
CA ARG F 41 15.06 -25.74 2.93
C ARG F 41 15.95 -26.53 1.98
N ALA F 42 16.73 -25.81 1.18
CA ALA F 42 17.64 -26.47 0.23
C ALA F 42 18.88 -27.00 0.95
N SER F 43 19.37 -28.18 0.53
CA SER F 43 20.57 -28.78 1.11
C SER F 43 21.81 -28.01 0.70
N GLU F 44 22.88 -28.10 1.52
CA GLU F 44 24.11 -27.42 1.17
C GLU F 44 24.62 -27.92 -0.20
N GLU F 45 24.53 -29.22 -0.52
CA GLU F 45 25.04 -29.68 -1.80
C GLU F 45 24.21 -29.16 -2.97
N HIS F 46 22.91 -29.04 -2.78
CA HIS F 46 22.02 -28.41 -3.78
C HIS F 46 22.44 -26.96 -4.05
N LEU F 47 22.71 -26.24 -2.96
CA LEU F 47 23.11 -24.83 -3.02
C LEU F 47 24.48 -24.66 -3.64
N LYS F 48 25.41 -25.64 -3.42
CA LYS F 48 26.70 -25.58 -4.06
C LYS F 48 26.56 -25.75 -5.57
N GLN F 49 25.66 -26.64 -5.97
CA GLN F 49 25.31 -26.85 -7.39
C GLN F 49 24.76 -25.53 -8.00
N HIS F 50 23.84 -24.90 -7.29
CA HIS F 50 23.19 -23.69 -7.77
C HIS F 50 24.23 -22.57 -7.98
N TYR F 51 25.19 -22.45 -7.05
CA TYR F 51 26.18 -21.37 -7.10
C TYR F 51 27.56 -21.82 -7.62
N ILE F 52 27.61 -22.90 -8.40
CA ILE F 52 28.90 -23.49 -8.77
C ILE F 52 29.82 -22.54 -9.53
N ASP F 53 29.28 -21.64 -10.32
CA ASP F 53 30.15 -20.64 -11.01
C ASP F 53 30.91 -19.70 -10.06
N LEU F 54 30.40 -19.57 -8.85
CA LEU F 54 31.00 -18.71 -7.83
C LEU F 54 31.85 -19.52 -6.86
N LYS F 55 32.16 -20.76 -7.18
CA LYS F 55 32.78 -21.65 -6.20
C LYS F 55 34.16 -21.18 -5.76
N ASP F 56 34.84 -20.35 -6.57
CA ASP F 56 36.23 -19.86 -6.25
C ASP F 56 36.26 -18.45 -5.64
N ARG F 57 35.09 -17.84 -5.50
CA ARG F 57 35.00 -16.53 -4.88
C ARG F 57 35.07 -16.70 -3.36
N PRO F 58 35.65 -15.71 -2.66
CA PRO F 58 35.84 -15.94 -1.22
C PRO F 58 34.51 -15.95 -0.40
N PHE F 59 33.47 -15.34 -0.95
CA PHE F 59 32.17 -15.33 -0.29
C PHE F 59 31.37 -16.64 -0.42
N PHE F 60 31.83 -17.51 -1.33
CA PHE F 60 31.03 -18.71 -1.69
C PHE F 60 30.70 -19.60 -0.49
N PRO F 61 31.69 -19.96 0.31
CA PRO F 61 31.37 -20.84 1.43
C PRO F 61 30.31 -20.32 2.38
N GLY F 62 30.45 -19.05 2.73
CA GLY F 62 29.49 -18.40 3.66
C GLY F 62 28.08 -18.27 3.06
N LEU F 63 28.06 -17.95 1.78
CA LEU F 63 26.81 -17.89 0.98
C LEU F 63 26.05 -19.22 1.02
N VAL F 64 26.75 -20.34 0.81
CA VAL F 64 26.07 -21.63 0.87
C VAL F 64 25.50 -21.91 2.28
N LYS F 65 26.28 -21.66 3.34
CA LYS F 65 25.80 -21.90 4.68
C LYS F 65 24.56 -21.06 5.07
N TYR F 66 24.57 -19.75 4.71
N TYR F 66 24.62 -19.82 4.68
CA TYR F 66 23.43 -18.81 4.92
CA TYR F 66 23.56 -18.99 5.03
C TYR F 66 22.18 -19.23 4.14
C TYR F 66 22.26 -19.37 4.22
N MET F 67 22.38 -19.69 2.92
CA MET F 67 21.23 -20.11 2.08
C MET F 67 20.56 -21.39 2.57
N ASN F 68 21.29 -22.16 3.38
CA ASN F 68 20.75 -23.36 4.03
C ASN F 68 20.16 -23.11 5.43
N SER F 69 20.27 -21.88 5.93
CA SER F 69 19.93 -21.56 7.33
C SER F 69 18.43 -21.31 7.60
N GLY F 70 17.62 -21.37 6.54
CA GLY F 70 16.20 -21.28 6.65
C GLY F 70 15.62 -21.63 5.26
N PRO F 71 14.30 -21.73 5.17
CA PRO F 71 13.68 -22.00 3.90
C PRO F 71 13.71 -20.82 2.94
N VAL F 72 13.64 -21.17 1.66
CA VAL F 72 13.55 -20.29 0.57
C VAL F 72 12.23 -20.51 -0.21
N VAL F 73 11.77 -19.47 -0.91
CA VAL F 73 10.69 -19.61 -1.87
C VAL F 73 11.30 -19.60 -3.22
N ALA F 74 11.19 -20.73 -3.92
CA ALA F 74 11.75 -20.89 -5.27
C ALA F 74 10.61 -20.66 -6.27
N MET F 75 10.87 -19.89 -7.32
CA MET F 75 9.83 -19.54 -8.31
C MET F 75 10.39 -19.57 -9.71
N VAL F 76 9.47 -19.78 -10.65
CA VAL F 76 9.75 -19.56 -12.08
C VAL F 76 8.72 -18.51 -12.58
N TRP F 77 9.20 -17.43 -13.18
CA TRP F 77 8.33 -16.44 -13.82
C TRP F 77 8.57 -16.36 -15.31
N GLU F 78 7.50 -16.07 -16.08
CA GLU F 78 7.58 -15.96 -17.52
C GLU F 78 7.18 -14.58 -18.01
N GLY F 79 7.89 -14.10 -19.00
CA GLY F 79 7.49 -12.98 -19.82
C GLY F 79 8.59 -12.49 -20.71
N LEU F 80 8.24 -11.58 -21.58
CA LEU F 80 9.24 -10.94 -22.44
CA LEU F 80 9.25 -10.93 -22.45
C LEU F 80 10.39 -10.33 -21.63
N ASN F 81 11.62 -10.75 -21.97
CA ASN F 81 12.86 -10.25 -21.33
C ASN F 81 12.77 -10.32 -19.77
N VAL F 82 12.12 -11.35 -19.29
CA VAL F 82 11.95 -11.51 -17.85
C VAL F 82 13.28 -11.73 -17.10
N VAL F 83 14.29 -12.33 -17.74
CA VAL F 83 15.55 -12.50 -17.04
C VAL F 83 16.15 -11.10 -16.74
N LYS F 84 16.33 -10.29 -17.78
CA LYS F 84 16.96 -8.98 -17.64
C LYS F 84 16.10 -8.04 -16.80
N THR F 85 14.81 -7.99 -17.12
CA THR F 85 13.88 -7.10 -16.42
C THR F 85 13.72 -7.50 -14.97
N GLY F 86 13.68 -8.80 -14.73
CA GLY F 86 13.64 -9.28 -13.34
C GLY F 86 14.82 -8.81 -12.53
N ARG F 87 16.00 -8.81 -13.12
CA ARG F 87 17.19 -8.35 -12.41
C ARG F 87 17.08 -6.84 -12.16
N VAL F 88 16.56 -6.07 -13.13
CA VAL F 88 16.37 -4.65 -12.92
C VAL F 88 15.42 -4.41 -11.74
N MET F 89 14.34 -5.20 -11.67
CA MET F 89 13.37 -5.08 -10.56
CA MET F 89 13.37 -5.09 -10.57
C MET F 89 13.97 -5.43 -9.23
N LEU F 90 14.88 -6.38 -9.19
CA LEU F 90 15.54 -6.78 -7.93
C LEU F 90 16.52 -5.70 -7.46
N GLY F 91 17.13 -4.99 -8.38
CA GLY F 91 18.14 -4.01 -8.09
C GLY F 91 19.48 -4.67 -8.20
N GLU F 92 20.55 -3.92 -7.99
CA GLU F 92 21.90 -4.45 -8.04
C GLU F 92 22.06 -5.50 -6.95
N THR F 93 22.88 -6.51 -7.23
CA THR F 93 23.08 -7.62 -6.33
C THR F 93 23.55 -7.05 -4.95
N ASN F 94 24.40 -6.05 -4.98
CA ASN F 94 24.82 -5.35 -3.81
C ASN F 94 23.77 -4.24 -3.41
N PRO F 95 23.04 -4.41 -2.28
CA PRO F 95 21.97 -3.43 -1.97
C PRO F 95 22.52 -2.01 -1.83
N ALA F 96 23.83 -1.90 -1.53
CA ALA F 96 24.48 -0.57 -1.41
C ALA F 96 24.25 0.26 -2.69
N ASP F 97 24.18 -0.42 -3.81
CA ASP F 97 24.08 0.21 -5.09
C ASP F 97 22.68 0.14 -5.71
N SER F 98 21.73 -0.49 -5.00
CA SER F 98 20.38 -0.75 -5.54
C SER F 98 19.57 0.52 -5.35
N LYS F 99 18.79 0.89 -6.34
CA LYS F 99 18.07 2.15 -6.32
C LYS F 99 16.77 2.03 -5.54
N PRO F 100 16.32 3.08 -4.84
CA PRO F 100 14.99 3.12 -4.31
C PRO F 100 13.97 2.78 -5.42
N GLY F 101 13.00 1.96 -5.09
CA GLY F 101 12.00 1.45 -6.03
C GLY F 101 12.26 -0.02 -6.42
N THR F 102 13.49 -0.47 -6.30
CA THR F 102 13.81 -1.84 -6.54
C THR F 102 13.57 -2.65 -5.27
N ILE F 103 13.51 -3.97 -5.39
CA ILE F 103 13.27 -4.82 -4.22
C ILE F 103 14.41 -4.72 -3.19
N ARG F 104 15.64 -4.79 -3.64
CA ARG F 104 16.77 -4.63 -2.68
C ARG F 104 16.97 -3.20 -2.21
N GLY F 105 16.71 -2.25 -3.11
CA GLY F 105 16.81 -0.87 -2.71
C GLY F 105 15.79 -0.53 -1.62
N ASP F 106 14.58 -1.07 -1.71
CA ASP F 106 13.55 -0.74 -0.73
C ASP F 106 13.74 -1.49 0.56
N PHE F 107 14.23 -2.74 0.51
CA PHE F 107 14.07 -3.65 1.63
C PHE F 107 15.28 -4.25 2.29
N CYS F 108 16.50 -3.95 1.83
CA CYS F 108 17.66 -4.55 2.53
C CYS F 108 18.87 -3.71 2.35
N ILE F 109 19.96 -4.13 3.03
CA ILE F 109 21.10 -3.23 3.26
C ILE F 109 22.48 -3.79 2.82
N GLN F 110 22.69 -5.09 3.08
CA GLN F 110 24.01 -5.70 2.98
C GLN F 110 24.00 -6.85 1.99
N VAL F 111 25.07 -7.02 1.22
CA VAL F 111 25.09 -8.05 0.22
C VAL F 111 24.91 -9.45 0.76
N GLY F 112 25.48 -9.78 1.91
CA GLY F 112 25.20 -11.10 2.48
C GLY F 112 23.82 -11.40 2.99
N ARG F 113 22.95 -10.37 3.03
CA ARG F 113 21.58 -10.48 3.45
C ARG F 113 20.74 -9.68 2.42
N ASN F 114 20.74 -10.18 1.17
CA ASN F 114 20.23 -9.39 0.03
C ASN F 114 18.94 -9.92 -0.56
N ILE F 115 18.24 -10.69 0.29
CA ILE F 115 16.80 -11.10 0.25
C ILE F 115 16.35 -11.96 -0.95
N ILE F 116 17.05 -11.90 -2.07
CA ILE F 116 16.48 -12.48 -3.29
C ILE F 116 17.60 -12.82 -4.26
N HIS F 117 17.34 -13.79 -5.12
CA HIS F 117 18.20 -14.15 -6.25
C HIS F 117 17.36 -14.16 -7.52
N GLY F 118 17.94 -13.69 -8.62
CA GLY F 118 17.34 -13.87 -9.92
C GLY F 118 18.44 -14.34 -10.87
N SER F 119 18.09 -15.22 -11.79
CA SER F 119 19.04 -15.68 -12.83
C SER F 119 19.70 -14.52 -13.58
N ASP F 120 20.97 -14.68 -13.98
CA ASP F 120 21.65 -13.57 -14.64
C ASP F 120 21.66 -13.64 -16.16
N SER F 121 21.13 -14.73 -16.71
CA SER F 121 21.11 -14.93 -18.16
C SER F 121 20.06 -15.94 -18.47
N VAL F 122 19.66 -16.02 -19.75
CA VAL F 122 18.69 -17.02 -20.11
C VAL F 122 19.26 -18.44 -19.93
N LYS F 123 20.54 -18.62 -20.28
CA LYS F 123 21.15 -19.93 -20.08
C LYS F 123 21.26 -20.30 -18.60
N SER F 124 21.64 -19.36 -17.73
CA SER F 124 21.63 -19.58 -16.29
C SER F 124 20.24 -19.95 -15.78
N ALA F 125 19.24 -19.25 -16.34
CA ALA F 125 17.88 -19.44 -15.90
C ALA F 125 17.45 -20.87 -16.18
N GLU F 126 17.71 -21.32 -17.39
CA GLU F 126 17.30 -22.70 -17.77
C GLU F 126 17.96 -23.77 -16.89
N LYS F 127 19.24 -23.58 -16.61
CA LYS F 127 19.98 -24.48 -15.69
C LYS F 127 19.35 -24.46 -14.28
N GLU F 128 19.08 -23.23 -13.75
CA GLU F 128 18.52 -23.08 -12.39
C GLU F 128 17.11 -23.73 -12.36
N ILE F 129 16.29 -23.45 -13.37
CA ILE F 129 14.94 -23.99 -13.40
C ILE F 129 14.98 -25.52 -13.33
N SER F 130 15.84 -26.11 -14.17
CA SER F 130 15.96 -27.56 -14.18
C SER F 130 16.51 -28.12 -12.87
N LEU F 131 17.42 -27.38 -12.21
CA LEU F 131 17.95 -27.81 -10.95
C LEU F 131 16.92 -27.85 -9.82
N TRP F 132 16.05 -26.83 -9.76
CA TRP F 132 15.13 -26.64 -8.64
C TRP F 132 13.78 -27.30 -8.81
N PHE F 133 13.38 -27.51 -10.08
CA PHE F 133 12.05 -27.97 -10.44
C PHE F 133 12.08 -29.16 -11.37
N LYS F 134 11.14 -30.04 -11.09
CA LYS F 134 10.73 -31.12 -11.93
C LYS F 134 9.97 -30.49 -13.13
N PRO F 135 10.10 -31.06 -14.34
CA PRO F 135 9.38 -30.51 -15.50
C PRO F 135 7.88 -30.34 -15.30
N GLU F 136 7.27 -31.28 -14.58
CA GLU F 136 5.84 -31.27 -14.34
C GLU F 136 5.41 -30.25 -13.27
N GLU F 137 6.36 -29.62 -12.57
CA GLU F 137 6.02 -28.53 -11.64
C GLU F 137 5.89 -27.19 -12.33
N LEU F 138 6.23 -27.15 -13.61
CA LEU F 138 6.04 -25.92 -14.41
C LEU F 138 4.67 -25.93 -15.04
N VAL F 139 3.79 -25.03 -14.61
CA VAL F 139 2.41 -25.03 -15.04
C VAL F 139 2.18 -24.19 -16.26
N ASP F 140 1.52 -24.75 -17.29
CA ASP F 140 1.08 -24.04 -18.47
C ASP F 140 -0.35 -23.57 -18.28
N TYR F 141 -0.56 -22.27 -18.26
CA TYR F 141 -1.90 -21.71 -18.31
C TYR F 141 -1.75 -20.33 -18.97
N LYS F 142 -2.89 -19.76 -19.35
CA LYS F 142 -2.90 -18.50 -20.04
C LYS F 142 -3.51 -17.41 -19.13
N SER F 143 -2.75 -16.35 -18.97
CA SER F 143 -3.16 -15.21 -18.14
CA SER F 143 -3.22 -15.21 -18.12
C SER F 143 -4.40 -14.52 -18.76
N CYS F 144 -5.44 -14.21 -17.95
CA CYS F 144 -6.64 -13.58 -18.51
C CYS F 144 -6.34 -12.20 -19.10
N ALA F 145 -5.27 -11.54 -18.63
CA ALA F 145 -4.92 -10.23 -19.14
C ALA F 145 -3.80 -10.27 -20.17
N HIS F 146 -3.46 -11.46 -20.69
CA HIS F 146 -2.32 -11.55 -21.59
C HIS F 146 -2.41 -10.56 -22.75
N ASP F 147 -3.58 -10.45 -23.39
CA ASP F 147 -3.67 -9.58 -24.59
C ASP F 147 -3.69 -8.10 -24.26
N TRP F 148 -3.77 -7.76 -22.97
CA TRP F 148 -3.64 -6.37 -22.50
C TRP F 148 -2.20 -6.09 -22.01
N VAL F 149 -1.39 -7.16 -21.88
CA VAL F 149 0.04 -7.00 -21.56
C VAL F 149 0.95 -7.06 -22.83
N TYR F 150 0.53 -7.86 -23.83
CA TYR F 150 1.27 -8.05 -25.05
C TYR F 150 0.43 -7.75 -26.26
N GLU F 151 1.03 -7.06 -27.22
CA GLU F 151 0.36 -6.95 -28.51
C GLU F 151 0.49 -8.23 -29.33
#